data_9EOY
#
_entry.id   9EOY
#
_cell.length_a   103.045
_cell.length_b   182.918
_cell.length_c   107.756
_cell.angle_alpha   90.00
_cell.angle_beta   90.00
_cell.angle_gamma   90.00
#
_symmetry.space_group_name_H-M   'C 2 2 21'
#
loop_
_entity.id
_entity.type
_entity.pdbx_description
1 polymer 'Calcium/calmodulin-dependent protein kinase type II subunit alpha'
2 non-polymer 'ACETATE ION'
3 non-polymer '2-[6-(4-chlorophenyl)imidazo[1,2-b]pyridazin-2-yl]ethanoic acid'
4 non-polymer 'TETRAETHYLENE GLYCOL'
5 water water
#
_entity_poly.entity_id   1
_entity_poly.type   'polypeptide(L)'
_entity_poly.pdbx_seq_one_letter_code
;GPHMVRKQEIIKVNQQLIEAISNGDFESYTKMCDPGMTAFEPEALGNLVEGLDFHRFYFENLWSRNSKPVHNTMLNPHIH
LMGDESACIAYIRITQYLDAGGIPRTAQSEETRVWHRRDGKWQHVHMHRSGAPSV
;
_entity_poly.pdbx_strand_id   A,B,C,D,E,F,G
#
loop_
_chem_comp.id
_chem_comp.type
_chem_comp.name
_chem_comp.formula
A1H6K non-polymer '2-[6-(4-chlorophenyl)imidazo[1,2-b]pyridazin-2-yl]ethanoic acid' 'C14 H10 Cl N3 O2'
ACT non-polymer 'ACETATE ION' 'C2 H3 O2 -1'
PG4 non-polymer 'TETRAETHYLENE GLYCOL' 'C8 H18 O5'
#
# COMPACT_ATOMS: atom_id res chain seq x y z
N MET A 4 32.14 22.17 12.10
CA MET A 4 32.75 23.45 12.44
C MET A 4 32.05 24.12 13.61
N VAL A 5 32.83 24.54 14.61
CA VAL A 5 32.28 25.33 15.71
C VAL A 5 31.61 26.58 15.19
N ARG A 6 32.06 27.09 14.03
CA ARG A 6 31.39 28.20 13.38
C ARG A 6 30.00 27.79 12.90
N LYS A 7 29.87 26.57 12.38
CA LYS A 7 28.57 26.10 11.90
C LYS A 7 27.57 26.01 13.04
N GLN A 8 28.02 25.60 14.22
CA GLN A 8 27.13 25.57 15.39
C GLN A 8 26.59 26.96 15.71
N GLU A 9 27.39 28.00 15.46
CA GLU A 9 26.95 29.37 15.72
C GLU A 9 25.79 29.78 14.81
N ILE A 10 25.88 29.43 13.53
CA ILE A 10 24.82 29.78 12.59
C ILE A 10 23.52 29.06 12.93
N ILE A 11 23.62 27.80 13.32
CA ILE A 11 22.43 27.01 13.64
C ILE A 11 21.66 27.65 14.80
N LYS A 12 22.38 28.11 15.83
CA LYS A 12 21.71 28.64 17.01
C LYS A 12 21.02 29.97 16.72
N VAL A 13 21.65 30.83 15.91
CA VAL A 13 21.02 32.11 15.61
C VAL A 13 19.82 31.92 14.70
N ASN A 14 19.85 30.91 13.83
CA ASN A 14 18.69 30.66 12.97
C ASN A 14 17.53 30.12 13.78
N GLN A 15 17.80 29.30 14.80
CA GLN A 15 16.74 28.82 15.66
C GLN A 15 16.13 29.94 16.48
N GLN A 16 16.93 30.94 16.89
CA GLN A 16 16.37 32.08 17.59
C GLN A 16 15.42 32.86 16.68
N LEU A 17 15.77 32.98 15.39
CA LEU A 17 14.85 33.60 14.44
C LEU A 17 13.56 32.79 14.33
N ILE A 18 13.68 31.47 14.22
CA ILE A 18 12.50 30.62 14.11
C ILE A 18 11.70 30.63 15.39
N GLU A 19 12.37 30.58 16.54
CA GLU A 19 11.67 30.66 17.82
C GLU A 19 10.96 32.01 17.98
N ALA A 20 11.55 33.08 17.43
CA ALA A 20 10.87 34.36 17.43
C ALA A 20 9.60 34.32 16.60
N ILE A 21 9.65 33.62 15.46
CA ILE A 21 8.47 33.46 14.62
C ILE A 21 7.41 32.64 15.34
N SER A 22 7.82 31.55 15.99
CA SER A 22 6.86 30.68 16.66
C SER A 22 6.11 31.42 17.77
N ASN A 23 6.82 32.27 18.50
CA ASN A 23 6.19 33.01 19.59
C ASN A 23 5.44 34.24 19.11
N GLY A 24 5.70 34.71 17.90
CA GLY A 24 5.04 35.90 17.41
C GLY A 24 5.70 37.19 17.83
N ASP A 25 6.95 37.13 18.30
CA ASP A 25 7.69 38.29 18.78
C ASP A 25 8.23 39.06 17.59
N PHE A 26 7.46 40.04 17.11
CA PHE A 26 7.87 40.79 15.93
C PHE A 26 9.04 41.73 16.22
N GLU A 27 9.19 42.16 17.48
CA GLU A 27 10.33 43.01 17.81
C GLU A 27 11.64 42.24 17.75
N SER A 28 11.67 41.04 18.34
CA SER A 28 12.88 40.22 18.28
C SER A 28 13.21 39.84 16.85
N TYR A 29 12.17 39.60 16.03
CA TYR A 29 12.37 39.30 14.62
C TYR A 29 13.04 40.46 13.89
N THR A 30 12.56 41.69 14.10
CA THR A 30 13.09 42.83 13.36
C THR A 30 14.54 43.10 13.72
N LYS A 31 14.92 42.89 14.99
CA LYS A 31 16.30 43.12 15.39
C LYS A 31 17.26 42.22 14.62
N MET A 32 16.86 40.98 14.37
CA MET A 32 17.73 40.01 13.72
C MET A 32 17.77 40.16 12.21
N CYS A 33 16.90 40.97 11.62
CA CYS A 33 16.77 41.10 10.17
C CYS A 33 17.34 42.41 9.67
N ASP A 34 18.05 42.33 8.54
CA ASP A 34 18.45 43.53 7.82
C ASP A 34 17.20 44.28 7.38
N PRO A 35 17.16 45.60 7.53
CA PRO A 35 15.95 46.35 7.14
C PRO A 35 15.53 46.15 5.70
N GLY A 36 16.44 45.77 4.81
CA GLY A 36 16.09 45.58 3.42
C GLY A 36 16.06 44.12 3.00
N MET A 37 15.73 43.23 3.93
CA MET A 37 15.73 41.81 3.59
C MET A 37 14.63 41.51 2.59
N THR A 38 14.90 40.53 1.72
CA THR A 38 13.99 40.11 0.68
C THR A 38 13.54 38.67 0.93
N ALA A 39 12.40 38.30 0.34
CA ALA A 39 11.82 37.00 0.64
C ALA A 39 11.07 36.43 -0.56
N PHE A 40 11.33 35.15 -0.84
CA PHE A 40 10.48 34.31 -1.67
C PHE A 40 9.76 33.34 -0.73
N GLU A 41 8.43 33.27 -0.84
CA GLU A 41 7.66 32.38 0.01
CA GLU A 41 7.65 32.40 0.03
C GLU A 41 6.31 32.13 -0.64
N PRO A 42 5.65 31.01 -0.31
CA PRO A 42 4.38 30.69 -0.98
C PRO A 42 3.32 31.76 -0.82
N GLU A 43 3.25 32.41 0.34
CA GLU A 43 2.25 33.45 0.56
C GLU A 43 2.44 34.64 -0.35
N ALA A 44 3.64 34.83 -0.90
CA ALA A 44 3.93 35.95 -1.79
C ALA A 44 3.61 35.65 -3.25
N LEU A 45 3.09 34.46 -3.55
CA LEU A 45 2.56 34.12 -4.87
C LEU A 45 3.61 34.29 -5.98
N GLY A 46 4.83 33.85 -5.70
CA GLY A 46 5.88 33.87 -6.70
C GLY A 46 6.58 35.19 -6.87
N ASN A 47 6.34 36.15 -5.98
CA ASN A 47 7.00 37.46 -6.04
C ASN A 47 8.06 37.57 -4.96
N LEU A 48 9.04 38.43 -5.21
CA LEU A 48 10.03 38.80 -4.22
C LEU A 48 9.51 40.00 -3.45
N VAL A 49 9.34 39.85 -2.14
CA VAL A 49 8.78 40.90 -1.31
C VAL A 49 9.84 41.39 -0.34
N GLU A 50 9.61 42.58 0.22
CA GLU A 50 10.37 43.07 1.36
C GLU A 50 9.86 42.37 2.60
N GLY A 51 10.71 41.54 3.21
CA GLY A 51 10.26 40.65 4.26
C GLY A 51 9.62 41.37 5.45
N LEU A 52 10.03 42.60 5.72
CA LEU A 52 9.56 43.25 6.93
C LEU A 52 8.21 43.92 6.76
N ASP A 53 7.86 44.36 5.55
CA ASP A 53 6.54 44.90 5.31
C ASP A 53 5.51 43.79 5.13
N PHE A 54 5.87 42.75 4.37
CA PHE A 54 4.93 41.70 4.03
C PHE A 54 4.60 40.83 5.24
N HIS A 55 5.57 40.57 6.12
CA HIS A 55 5.35 39.67 7.24
C HIS A 55 4.59 40.32 8.40
N ARG A 56 4.46 41.65 8.41
CA ARG A 56 3.77 42.29 9.52
C ARG A 56 2.31 41.86 9.61
N PHE A 57 1.70 41.51 8.48
CA PHE A 57 0.33 41.04 8.50
C PHE A 57 0.20 39.73 9.27
N TYR A 58 1.21 38.86 9.16
CA TYR A 58 1.12 37.56 9.81
C TYR A 58 1.39 37.64 11.30
N PHE A 59 2.31 38.51 11.73
CA PHE A 59 2.52 38.71 13.16
C PHE A 59 1.28 39.29 13.82
N GLU A 60 0.68 40.29 13.19
CA GLU A 60 -0.44 41.01 13.81
C GLU A 60 -1.73 40.20 13.83
N ASN A 61 -1.86 39.18 12.98
CA ASN A 61 -3.13 38.46 12.88
C ASN A 61 -3.06 36.96 13.10
N LEU A 62 -1.87 36.37 13.22
CA LEU A 62 -1.80 34.92 13.34
C LEU A 62 -1.08 34.38 14.56
N TRP A 63 0.22 34.64 14.65
CA TRP A 63 1.10 33.92 15.56
C TRP A 63 1.22 34.55 16.94
N SER A 64 0.59 35.70 17.17
CA SER A 64 0.83 36.43 18.40
C SER A 64 0.12 35.79 19.59
N ARG A 65 -1.19 35.56 19.46
CA ARG A 65 -1.98 35.09 20.61
C ARG A 65 -1.46 33.77 21.15
N ASN A 66 -0.87 32.94 20.30
CA ASN A 66 -0.32 31.64 20.71
C ASN A 66 -1.37 30.79 21.43
N SER A 67 -2.63 30.93 21.03
CA SER A 67 -3.70 30.12 21.60
C SER A 67 -3.50 28.64 21.35
N LYS A 68 -2.59 28.27 20.44
CA LYS A 68 -2.30 26.89 20.12
C LYS A 68 -0.81 26.60 20.26
N PRO A 69 -0.45 25.47 20.85
CA PRO A 69 0.96 25.06 20.86
C PRO A 69 1.49 24.80 19.46
N VAL A 70 2.67 25.32 19.17
CA VAL A 70 3.33 25.13 17.89
C VAL A 70 4.75 24.67 18.15
N HIS A 71 5.24 23.76 17.30
CA HIS A 71 6.60 23.25 17.40
C HIS A 71 7.26 23.22 16.03
N ASN A 72 8.39 23.89 15.91
CA ASN A 72 9.18 23.95 14.69
C ASN A 72 10.46 23.14 14.85
N THR A 73 10.81 22.38 13.81
CA THR A 73 12.00 21.55 13.83
C THR A 73 12.85 21.84 12.60
N MET A 74 14.15 22.01 12.80
CA MET A 74 15.12 22.06 11.72
C MET A 74 15.68 20.65 11.51
N LEU A 75 15.44 20.08 10.34
CA LEU A 75 15.93 18.74 10.04
C LEU A 75 17.20 18.84 9.21
N ASN A 76 18.30 18.29 9.73
CA ASN A 76 19.59 18.18 9.07
C ASN A 76 19.97 19.48 8.34
N PRO A 77 20.18 20.57 9.07
CA PRO A 77 20.54 21.83 8.42
C PRO A 77 21.92 21.75 7.80
N HIS A 78 22.05 22.32 6.60
CA HIS A 78 23.33 22.42 5.90
C HIS A 78 23.75 23.88 5.84
N ILE A 79 24.99 24.15 6.23
CA ILE A 79 25.49 25.51 6.37
C ILE A 79 26.67 25.69 5.42
N HIS A 80 26.59 26.71 4.56
CA HIS A 80 27.70 27.12 3.73
C HIS A 80 28.29 28.38 4.34
N LEU A 81 29.55 28.34 4.73
CA LEU A 81 30.25 29.48 5.25
C LEU A 81 31.01 30.16 4.13
N MET A 82 30.79 31.46 3.95
CA MET A 82 31.48 32.24 2.92
C MET A 82 32.36 33.24 3.67
N GLY A 83 33.53 32.76 4.10
CA GLY A 83 34.43 33.58 4.87
C GLY A 83 34.04 33.58 6.33
N ASP A 84 34.19 34.74 6.97
CA ASP A 84 33.86 34.90 8.37
C ASP A 84 32.70 35.87 8.57
N GLU A 85 32.17 36.45 7.49
CA GLU A 85 31.15 37.47 7.54
C GLU A 85 29.83 37.04 6.92
N SER A 86 29.78 35.87 6.29
CA SER A 86 28.60 35.46 5.55
C SER A 86 28.35 33.97 5.75
N ALA A 87 27.07 33.61 5.82
CA ALA A 87 26.67 32.21 5.97
C ALA A 87 25.36 32.01 5.24
N CYS A 88 25.16 30.79 4.76
CA CYS A 88 23.92 30.38 4.11
C CYS A 88 23.50 29.05 4.70
N ILE A 89 22.28 28.98 5.21
CA ILE A 89 21.78 27.79 5.87
C ILE A 89 20.52 27.32 5.16
N ALA A 90 20.45 26.02 4.86
CA ALA A 90 19.33 25.41 4.18
C ALA A 90 18.92 24.16 4.93
N TYR A 91 17.61 23.94 5.04
CA TYR A 91 17.10 22.87 5.89
C TYR A 91 15.64 22.61 5.55
N ILE A 92 15.19 21.40 5.86
CA ILE A 92 13.77 21.09 5.84
C ILE A 92 13.16 21.53 7.15
N ARG A 93 12.06 22.28 7.07
CA ARG A 93 11.39 22.82 8.25
C ARG A 93 10.10 22.05 8.48
N ILE A 94 10.02 21.36 9.60
CA ILE A 94 8.82 20.62 9.99
C ILE A 94 8.09 21.40 11.07
N THR A 95 6.81 21.67 10.84
CA THR A 95 5.99 22.44 11.77
C THR A 95 4.83 21.57 12.23
N GLN A 96 4.73 21.36 13.53
CA GLN A 96 3.60 20.69 14.14
C GLN A 96 2.65 21.74 14.70
N TYR A 97 1.36 21.58 14.42
CA TYR A 97 0.37 22.58 14.81
C TYR A 97 -0.96 21.87 15.03
N LEU A 98 -1.95 22.65 15.47
CA LEU A 98 -3.31 22.18 15.64
C LEU A 98 -4.19 22.85 14.58
N ASP A 99 -5.05 22.06 13.97
CA ASP A 99 -5.96 22.57 12.95
C ASP A 99 -7.18 23.19 13.63
N ALA A 100 -8.19 23.56 12.84
CA ALA A 100 -9.40 24.14 13.42
C ALA A 100 -10.04 23.20 14.43
N GLY A 101 -9.99 21.90 14.17
CA GLY A 101 -10.51 20.90 15.08
C GLY A 101 -9.66 20.60 16.29
N GLY A 102 -8.49 21.23 16.41
CA GLY A 102 -7.60 20.94 17.52
C GLY A 102 -6.78 19.68 17.37
N ILE A 103 -6.73 19.12 16.17
CA ILE A 103 -6.01 17.87 15.90
C ILE A 103 -4.58 18.19 15.48
N PRO A 104 -3.58 17.48 16.00
CA PRO A 104 -2.20 17.76 15.61
C PRO A 104 -1.97 17.41 14.14
N ARG A 105 -1.28 18.29 13.45
CA ARG A 105 -1.01 18.09 12.03
C ARG A 105 0.46 18.44 11.79
N THR A 106 0.97 18.06 10.63
CA THR A 106 2.36 18.34 10.28
C THR A 106 2.40 18.94 8.88
N ALA A 107 3.27 19.94 8.72
CA ALA A 107 3.52 20.57 7.43
C ALA A 107 5.02 20.63 7.21
N GLN A 108 5.43 20.44 5.97
CA GLN A 108 6.83 20.52 5.59
C GLN A 108 7.03 21.67 4.63
N SER A 109 8.12 22.42 4.83
CA SER A 109 8.57 23.40 3.86
C SER A 109 10.10 23.34 3.82
N GLU A 110 10.66 23.89 2.75
CA GLU A 110 12.10 23.99 2.58
C GLU A 110 12.49 25.46 2.64
N GLU A 111 13.47 25.78 3.47
CA GLU A 111 13.85 27.17 3.71
C GLU A 111 15.33 27.36 3.47
N THR A 112 15.66 28.41 2.71
CA THR A 112 17.00 28.93 2.58
C THR A 112 17.03 30.30 3.25
N ARG A 113 18.01 30.52 4.12
CA ARG A 113 18.17 31.81 4.79
C ARG A 113 19.63 32.22 4.73
N VAL A 114 19.86 33.47 4.33
CA VAL A 114 21.20 34.02 4.15
C VAL A 114 21.46 35.04 5.25
N TRP A 115 22.63 34.97 5.86
CA TRP A 115 22.99 35.83 6.98
C TRP A 115 24.26 36.62 6.68
N HIS A 116 24.33 37.83 7.24
CA HIS A 116 25.45 38.75 7.05
C HIS A 116 25.86 39.30 8.40
N ARG A 117 27.13 39.11 8.76
CA ARG A 117 27.65 39.54 10.05
C ARG A 117 28.16 40.97 9.92
N ARG A 118 27.48 41.91 10.59
CA ARG A 118 27.89 43.31 10.61
C ARG A 118 28.15 43.73 12.05
N ASP A 119 29.39 44.12 12.34
CA ASP A 119 29.80 44.56 13.67
C ASP A 119 29.49 43.51 14.73
N GLY A 120 29.91 42.28 14.47
CA GLY A 120 29.72 41.18 15.39
C GLY A 120 28.31 40.65 15.52
N LYS A 121 27.34 41.23 14.82
CA LYS A 121 25.95 40.80 14.92
C LYS A 121 25.49 40.24 13.58
N TRP A 122 24.91 39.05 13.61
CA TRP A 122 24.38 38.42 12.41
C TRP A 122 23.04 39.03 12.04
N GLN A 123 22.89 39.42 10.77
CA GLN A 123 21.66 40.03 10.27
C GLN A 123 21.11 39.21 9.12
N HIS A 124 19.80 38.98 9.15
CA HIS A 124 19.11 38.17 8.15
C HIS A 124 18.84 39.01 6.90
N VAL A 125 19.36 38.58 5.76
CA VAL A 125 19.36 39.41 4.57
C VAL A 125 18.42 38.87 3.48
N HIS A 126 18.20 37.56 3.40
CA HIS A 126 17.32 37.02 2.37
C HIS A 126 16.87 35.64 2.79
N MET A 127 15.60 35.34 2.51
CA MET A 127 15.06 34.02 2.78
C MET A 127 14.29 33.52 1.57
N HIS A 128 14.25 32.21 1.42
CA HIS A 128 13.50 31.55 0.35
C HIS A 128 12.82 30.33 0.95
N ARG A 129 11.49 30.33 0.96
CA ARG A 129 10.72 29.21 1.46
C ARG A 129 9.85 28.68 0.33
N SER A 130 9.89 27.37 0.13
CA SER A 130 9.01 26.68 -0.78
C SER A 130 8.32 25.54 -0.04
N GLY A 131 7.19 25.10 -0.59
CA GLY A 131 6.50 23.98 0.03
C GLY A 131 5.12 24.34 0.54
N ALA A 132 4.91 24.17 1.84
CA ALA A 132 3.58 24.38 2.40
C ALA A 132 3.24 25.87 2.30
N PRO A 133 2.06 26.22 1.82
CA PRO A 133 1.72 27.64 1.67
C PRO A 133 1.57 28.34 3.01
N SER A 134 0.67 27.88 3.87
CA SER A 134 0.53 28.48 5.18
C SER A 134 1.76 28.20 6.03
N VAL A 135 2.02 29.10 6.97
CA VAL A 135 3.12 28.91 7.91
C VAL A 135 2.66 29.29 9.32
N PRO B 2 31.22 51.51 -5.03
CA PRO B 2 31.76 50.42 -5.86
C PRO B 2 30.82 49.22 -5.91
N HIS B 3 29.55 49.44 -5.57
CA HIS B 3 28.57 48.35 -5.52
C HIS B 3 27.82 48.20 -6.84
N MET B 4 27.41 49.31 -7.45
CA MET B 4 26.64 49.24 -8.69
C MET B 4 27.38 48.47 -9.77
N VAL B 5 28.71 48.54 -9.78
CA VAL B 5 29.49 47.77 -10.75
C VAL B 5 29.75 46.35 -10.24
N ARG B 6 29.95 46.20 -8.93
CA ARG B 6 30.18 44.88 -8.38
C ARG B 6 28.91 44.04 -8.38
N LYS B 7 27.74 44.68 -8.29
CA LYS B 7 26.49 43.97 -8.54
C LYS B 7 26.43 43.49 -9.99
N GLN B 8 26.84 44.34 -10.93
CA GLN B 8 26.88 43.92 -12.33
C GLN B 8 27.82 42.74 -12.53
N GLU B 9 28.82 42.60 -11.65
CA GLU B 9 29.68 41.42 -11.70
C GLU B 9 28.89 40.15 -11.35
N ILE B 10 28.05 40.23 -10.31
CA ILE B 10 27.24 39.08 -9.93
C ILE B 10 26.22 38.76 -11.02
N ILE B 11 25.62 39.79 -11.61
CA ILE B 11 24.63 39.57 -12.66
C ILE B 11 25.26 38.85 -13.84
N LYS B 12 26.51 39.21 -14.18
CA LYS B 12 27.20 38.58 -15.29
C LYS B 12 27.42 37.09 -15.04
N VAL B 13 28.02 36.75 -13.89
CA VAL B 13 28.36 35.36 -13.63
C VAL B 13 27.12 34.50 -13.49
N ASN B 14 26.03 35.06 -12.95
CA ASN B 14 24.80 34.28 -12.83
C ASN B 14 24.15 34.08 -14.20
N GLN B 15 24.21 35.09 -15.06
CA GLN B 15 23.64 34.93 -16.40
C GLN B 15 24.43 33.93 -17.24
N GLN B 16 25.76 33.86 -17.03
CA GLN B 16 26.54 32.84 -17.71
C GLN B 16 26.19 31.44 -17.23
N LEU B 17 25.91 31.31 -15.93
CA LEU B 17 25.48 30.02 -15.41
C LEU B 17 24.18 29.56 -16.06
N ILE B 18 23.22 30.48 -16.21
CA ILE B 18 21.94 30.14 -16.82
C ILE B 18 22.14 29.77 -18.29
N GLU B 19 23.06 30.46 -18.97
CA GLU B 19 23.36 30.11 -20.36
C GLU B 19 23.94 28.70 -20.46
N ALA B 20 24.78 28.32 -19.49
CA ALA B 20 25.33 26.96 -19.50
C ALA B 20 24.24 25.93 -19.28
N ILE B 21 23.28 26.22 -18.41
CA ILE B 21 22.17 25.30 -18.16
C ILE B 21 21.31 25.18 -19.42
N SER B 22 21.02 26.29 -20.08
CA SER B 22 20.16 26.27 -21.26
C SER B 22 20.79 25.46 -22.39
N ASN B 23 22.10 25.61 -22.60
CA ASN B 23 22.77 24.89 -23.67
C ASN B 23 23.14 23.45 -23.30
N GLY B 24 23.15 23.11 -22.02
CA GLY B 24 23.55 21.79 -21.60
C GLY B 24 25.04 21.60 -21.40
N ASP B 25 25.81 22.68 -21.28
CA ASP B 25 27.26 22.61 -21.12
C ASP B 25 27.57 22.29 -19.66
N PHE B 26 27.69 21.00 -19.36
CA PHE B 26 27.94 20.59 -17.98
C PHE B 26 29.37 20.90 -17.54
N GLU B 27 30.31 20.99 -18.48
CA GLU B 27 31.71 21.24 -18.13
C GLU B 27 31.88 22.64 -17.56
N SER B 28 31.34 23.65 -18.25
CA SER B 28 31.38 25.01 -17.71
C SER B 28 30.53 25.14 -16.46
N TYR B 29 29.42 24.40 -16.39
CA TYR B 29 28.60 24.37 -15.18
C TYR B 29 29.41 23.89 -13.98
N THR B 30 30.16 22.81 -14.17
CA THR B 30 30.96 22.26 -13.07
C THR B 30 32.03 23.23 -12.62
N LYS B 31 32.65 23.95 -13.57
CA LYS B 31 33.69 24.92 -13.23
C LYS B 31 33.12 26.05 -12.37
N MET B 32 31.92 26.52 -12.70
CA MET B 32 31.35 27.67 -12.01
C MET B 32 30.71 27.30 -10.67
N CYS B 33 30.53 26.02 -10.41
CA CYS B 33 29.86 25.56 -9.19
C CYS B 33 30.89 24.96 -8.25
N ASP B 34 30.78 25.31 -6.97
CA ASP B 34 31.58 24.65 -5.96
C ASP B 34 31.22 23.17 -5.93
N PRO B 35 32.21 22.28 -5.81
CA PRO B 35 31.92 20.84 -5.80
C PRO B 35 30.91 20.43 -4.74
N GLY B 36 30.74 21.21 -3.68
CA GLY B 36 29.80 20.88 -2.63
C GLY B 36 28.56 21.75 -2.60
N MET B 37 28.14 22.25 -3.76
CA MET B 37 26.96 23.09 -3.81
C MET B 37 25.71 22.28 -3.49
N THR B 38 24.74 22.94 -2.88
CA THR B 38 23.47 22.33 -2.48
C THR B 38 22.33 22.96 -3.28
N ALA B 39 21.21 22.24 -3.35
CA ALA B 39 20.10 22.69 -4.17
C ALA B 39 18.76 22.27 -3.57
N PHE B 40 17.85 23.23 -3.49
CA PHE B 40 16.42 22.99 -3.34
C PHE B 40 15.78 23.27 -4.69
N GLU B 41 15.10 22.28 -5.26
CA GLU B 41 14.45 22.47 -6.55
C GLU B 41 13.27 21.51 -6.64
N PRO B 42 12.27 21.83 -7.47
CA PRO B 42 11.09 20.96 -7.54
C PRO B 42 11.42 19.52 -7.89
N GLU B 43 12.39 19.31 -8.79
CA GLU B 43 12.74 17.95 -9.21
C GLU B 43 13.30 17.11 -8.07
N ALA B 44 13.80 17.74 -7.01
CA ALA B 44 14.36 17.02 -5.87
C ALA B 44 13.31 16.65 -4.83
N LEU B 45 12.04 16.94 -5.09
CA LEU B 45 10.92 16.47 -4.25
C LEU B 45 11.06 16.91 -2.79
N GLY B 46 11.47 18.16 -2.59
CA GLY B 46 11.51 18.71 -1.25
C GLY B 46 12.73 18.35 -0.43
N ASN B 47 13.74 17.74 -1.04
CA ASN B 47 14.96 17.37 -0.35
C ASN B 47 16.10 18.30 -0.78
N LEU B 48 17.09 18.46 0.10
CA LEU B 48 18.30 19.18 -0.24
C LEU B 48 19.32 18.19 -0.80
N VAL B 49 19.74 18.42 -2.04
CA VAL B 49 20.65 17.51 -2.73
C VAL B 49 21.98 18.22 -2.98
N GLU B 50 23.03 17.42 -3.16
CA GLU B 50 24.28 17.96 -3.69
C GLU B 50 24.07 18.34 -5.15
N GLY B 51 24.46 19.57 -5.50
CA GLY B 51 24.00 20.15 -6.74
C GLY B 51 24.59 19.52 -7.99
N LEU B 52 25.89 19.18 -7.96
CA LEU B 52 26.53 18.78 -9.20
C LEU B 52 26.31 17.33 -9.56
N ASP B 53 26.09 16.45 -8.57
CA ASP B 53 25.82 15.05 -8.90
C ASP B 53 24.39 14.88 -9.38
N PHE B 54 23.45 15.55 -8.72
CA PHE B 54 22.03 15.41 -9.05
C PHE B 54 21.71 16.01 -10.41
N HIS B 55 22.34 17.13 -10.76
CA HIS B 55 22.03 17.81 -12.01
C HIS B 55 22.71 17.17 -13.22
N ARG B 56 23.78 16.39 -13.02
CA ARG B 56 24.43 15.76 -14.16
C ARG B 56 23.48 14.83 -14.91
N PHE B 57 22.50 14.25 -14.21
CA PHE B 57 21.50 13.41 -14.87
C PHE B 57 20.69 14.22 -15.87
N TYR B 58 20.38 15.47 -15.54
CA TYR B 58 19.59 16.30 -16.44
C TYR B 58 20.43 16.83 -17.60
N PHE B 59 21.70 17.16 -17.36
CA PHE B 59 22.57 17.57 -18.45
C PHE B 59 22.82 16.43 -19.41
N GLU B 60 23.15 15.24 -18.90
CA GLU B 60 23.59 14.15 -19.77
C GLU B 60 22.45 13.51 -20.56
N ASN B 61 21.20 13.69 -20.14
CA ASN B 61 20.08 13.03 -20.80
C ASN B 61 19.04 13.98 -21.36
N LEU B 62 19.08 15.27 -21.03
CA LEU B 62 18.10 16.21 -21.56
C LEU B 62 18.70 17.44 -22.23
N TRP B 63 19.39 18.24 -21.42
CA TRP B 63 19.79 19.57 -21.82
C TRP B 63 20.97 19.58 -22.78
N SER B 64 21.75 18.50 -22.83
CA SER B 64 22.75 18.34 -23.87
C SER B 64 22.12 17.97 -25.21
N ARG B 65 20.92 17.38 -25.18
CA ARG B 65 20.23 16.95 -26.39
C ARG B 65 19.25 17.97 -26.92
N ASN B 66 18.89 18.97 -26.11
CA ASN B 66 17.90 19.94 -26.53
C ASN B 66 18.44 20.83 -27.65
N SER B 67 17.60 21.04 -28.67
CA SER B 67 17.91 21.95 -29.75
C SER B 67 16.79 22.95 -30.01
N LYS B 68 15.74 22.94 -29.19
CA LYS B 68 14.57 23.79 -29.37
C LYS B 68 14.87 25.22 -28.94
N PRO B 69 14.20 26.21 -29.54
CA PRO B 69 14.44 27.60 -29.14
C PRO B 69 13.83 27.87 -27.77
N VAL B 70 14.66 28.43 -26.88
CA VAL B 70 14.24 28.81 -25.54
C VAL B 70 14.80 30.20 -25.25
N HIS B 71 14.04 30.98 -24.48
CA HIS B 71 14.47 32.31 -24.06
C HIS B 71 14.22 32.47 -22.56
N ASN B 72 15.26 32.78 -21.81
CA ASN B 72 15.17 32.99 -20.38
C ASN B 72 15.34 34.47 -20.04
N THR B 73 14.51 34.95 -19.12
CA THR B 73 14.53 36.35 -18.69
C THR B 73 14.61 36.38 -17.17
N MET B 74 15.63 37.06 -16.65
CA MET B 74 15.74 37.32 -15.22
C MET B 74 15.08 38.65 -14.93
N LEU B 75 13.87 38.61 -14.37
CA LEU B 75 13.10 39.84 -14.14
C LEU B 75 13.54 40.51 -12.84
N ASN B 76 13.99 41.76 -12.97
CA ASN B 76 14.31 42.65 -11.85
C ASN B 76 15.12 41.94 -10.77
N PRO B 77 16.34 41.52 -11.07
CA PRO B 77 17.13 40.79 -10.07
C PRO B 77 17.52 41.67 -8.90
N HIS B 78 17.46 41.09 -7.71
CA HIS B 78 17.87 41.74 -6.47
C HIS B 78 19.13 41.07 -5.96
N ILE B 79 20.15 41.88 -5.66
CA ILE B 79 21.47 41.40 -5.28
C ILE B 79 21.81 41.90 -3.89
N HIS B 80 22.13 40.97 -2.99
CA HIS B 80 22.64 41.31 -1.68
C HIS B 80 24.14 41.04 -1.65
N LEU B 81 24.92 42.08 -1.37
CA LEU B 81 26.36 41.94 -1.20
C LEU B 81 26.66 41.81 0.29
N MET B 82 27.38 40.75 0.66
CA MET B 82 27.79 40.53 2.04
C MET B 82 29.31 40.57 2.08
N GLY B 83 29.86 41.77 2.16
CA GLY B 83 31.29 41.95 2.13
C GLY B 83 31.80 41.98 0.71
N ASP B 84 32.97 41.40 0.47
CA ASP B 84 33.56 41.38 -0.85
C ASP B 84 33.75 39.97 -1.41
N GLU B 85 33.43 38.93 -0.65
CA GLU B 85 33.68 37.56 -1.07
C GLU B 85 32.43 36.69 -1.11
N SER B 86 31.24 37.29 -1.04
CA SER B 86 30.01 36.51 -1.04
C SER B 86 28.87 37.40 -1.52
N ALA B 87 27.94 36.80 -2.26
CA ALA B 87 26.79 37.54 -2.77
C ALA B 87 25.60 36.60 -2.87
N CYS B 88 24.41 37.18 -2.77
CA CYS B 88 23.15 36.46 -2.94
C CYS B 88 22.31 37.21 -3.97
N ILE B 89 21.82 36.48 -4.97
CA ILE B 89 21.01 37.07 -6.03
C ILE B 89 19.68 36.32 -6.10
N ALA B 90 18.59 37.07 -6.17
CA ALA B 90 17.25 36.52 -6.23
C ALA B 90 16.49 37.18 -7.36
N TYR B 91 15.70 36.40 -8.09
CA TYR B 91 15.04 36.92 -9.28
C TYR B 91 13.93 35.97 -9.70
N ILE B 92 12.96 36.53 -10.42
CA ILE B 92 11.95 35.74 -11.10
C ILE B 92 12.52 35.33 -12.45
N ARG B 93 12.44 34.04 -12.75
CA ARG B 93 12.96 33.50 -14.00
C ARG B 93 11.79 33.15 -14.89
N ILE B 94 11.67 33.83 -16.02
CA ILE B 94 10.62 33.58 -17.00
C ILE B 94 11.26 32.84 -18.17
N THR B 95 10.67 31.71 -18.55
CA THR B 95 11.19 30.87 -19.62
C THR B 95 10.17 30.81 -20.74
N GLN B 96 10.57 31.27 -21.91
CA GLN B 96 9.75 31.18 -23.11
C GLN B 96 10.23 30.01 -23.96
N TYR B 97 9.29 29.19 -24.42
CA TYR B 97 9.63 28.01 -25.20
C TYR B 97 8.45 27.66 -26.10
N LEU B 98 8.66 26.68 -26.96
CA LEU B 98 7.64 26.08 -27.82
C LEU B 98 7.44 24.64 -27.40
N ASP B 99 6.19 24.17 -27.46
CA ASP B 99 5.90 22.79 -27.11
C ASP B 99 6.16 21.92 -28.36
N ALA B 100 5.82 20.63 -28.21
CA ALA B 100 5.86 19.67 -29.28
C ALA B 100 5.03 20.16 -30.47
N GLY B 101 3.87 20.80 -30.21
CA GLY B 101 3.05 21.31 -31.29
C GLY B 101 3.51 22.58 -31.96
N GLY B 102 4.59 23.18 -31.45
CA GLY B 102 5.11 24.42 -31.97
C GLY B 102 4.37 25.67 -31.53
N ILE B 103 3.50 25.57 -30.53
CA ILE B 103 2.77 26.76 -30.07
C ILE B 103 3.52 27.31 -28.85
N PRO B 104 3.59 28.64 -28.72
CA PRO B 104 4.40 29.26 -27.64
C PRO B 104 3.84 29.05 -26.24
N ARG B 105 4.75 28.80 -25.30
CA ARG B 105 4.40 28.68 -23.88
C ARG B 105 5.40 29.43 -23.02
N THR B 106 4.99 29.69 -21.78
CA THR B 106 5.80 30.39 -20.80
C THR B 106 5.72 29.68 -19.46
N ALA B 107 6.87 29.61 -18.77
CA ALA B 107 6.93 29.07 -17.42
C ALA B 107 7.67 30.05 -16.52
N GLN B 108 7.21 30.15 -15.28
CA GLN B 108 7.82 31.02 -14.27
C GLN B 108 8.36 30.19 -13.12
N SER B 109 9.54 30.58 -12.62
CA SER B 109 10.06 30.06 -11.38
C SER B 109 10.74 31.20 -10.63
N GLU B 110 10.96 30.98 -9.33
CA GLU B 110 11.68 31.91 -8.48
C GLU B 110 12.99 31.25 -8.07
N GLU B 111 14.10 31.96 -8.24
CA GLU B 111 15.41 31.38 -8.02
C GLU B 111 16.23 32.24 -7.06
N THR B 112 16.80 31.59 -6.05
CA THR B 112 17.82 32.19 -5.21
C THR B 112 19.14 31.47 -5.47
N ARG B 113 20.20 32.22 -5.72
CA ARG B 113 21.51 31.65 -5.94
C ARG B 113 22.54 32.42 -5.12
N VAL B 114 23.36 31.67 -4.38
CA VAL B 114 24.36 32.24 -3.48
C VAL B 114 25.74 31.98 -4.08
N TRP B 115 26.57 33.02 -4.10
CA TRP B 115 27.88 32.96 -4.72
C TRP B 115 28.96 33.29 -3.69
N HIS B 116 30.11 32.62 -3.84
CA HIS B 116 31.24 32.78 -2.94
C HIS B 116 32.51 32.92 -3.76
N ARG B 117 33.25 34.00 -3.53
CA ARG B 117 34.49 34.25 -4.27
CA ARG B 117 34.48 34.24 -4.28
C ARG B 117 35.59 33.37 -3.67
N ARG B 118 35.92 32.29 -4.38
CA ARG B 118 36.98 31.36 -3.96
CA ARG B 118 36.98 31.37 -3.96
C ARG B 118 38.12 31.47 -4.97
N ASP B 119 39.26 31.99 -4.53
CA ASP B 119 40.42 32.21 -5.39
C ASP B 119 40.08 33.15 -6.54
N GLY B 120 39.53 34.31 -6.20
CA GLY B 120 39.19 35.32 -7.18
C GLY B 120 38.15 34.94 -8.21
N LYS B 121 37.64 33.71 -8.16
CA LYS B 121 36.59 33.26 -9.06
C LYS B 121 35.31 33.06 -8.25
N TRP B 122 34.20 33.59 -8.76
CA TRP B 122 32.93 33.40 -8.09
C TRP B 122 32.45 31.97 -8.31
N GLN B 123 32.06 31.31 -7.23
CA GLN B 123 31.62 29.92 -7.27
C GLN B 123 30.20 29.82 -6.76
N HIS B 124 29.37 29.05 -7.46
CA HIS B 124 27.98 28.87 -7.07
C HIS B 124 27.92 27.83 -5.97
N VAL B 125 27.40 28.23 -4.80
CA VAL B 125 27.48 27.41 -3.61
C VAL B 125 26.12 26.85 -3.18
N HIS B 126 25.02 27.54 -3.49
CA HIS B 126 23.71 27.03 -3.08
C HIS B 126 22.65 27.70 -3.96
N MET B 127 21.64 26.91 -4.32
CA MET B 127 20.51 27.42 -5.09
C MET B 127 19.21 26.91 -4.49
N HIS B 128 18.16 27.71 -4.68
CA HIS B 128 16.81 27.37 -4.25
C HIS B 128 15.86 27.83 -5.34
N ARG B 129 15.17 26.89 -5.99
CA ARG B 129 14.20 27.21 -7.02
C ARG B 129 12.83 26.70 -6.60
N SER B 130 11.82 27.56 -6.73
CA SER B 130 10.43 27.18 -6.53
C SER B 130 9.64 27.55 -7.77
N GLY B 131 8.51 26.88 -7.95
CA GLY B 131 7.64 27.17 -9.08
C GLY B 131 7.54 26.00 -10.04
N ALA B 132 7.94 26.24 -11.28
CA ALA B 132 7.88 25.30 -12.40
C ALA B 132 9.18 24.52 -12.49
N PRO B 133 9.11 23.22 -12.73
CA PRO B 133 10.35 22.43 -12.77
C PRO B 133 11.29 22.79 -13.91
N SER B 134 10.75 23.25 -15.04
CA SER B 134 11.53 23.58 -16.24
C SER B 134 12.88 24.24 -15.96
N MET C 4 13.87 -19.72 22.59
CA MET C 4 13.61 -18.37 22.12
C MET C 4 12.72 -17.61 23.10
N VAL C 5 12.96 -17.82 24.40
CA VAL C 5 12.16 -17.15 25.43
C VAL C 5 12.45 -15.65 25.42
N ARG C 6 13.64 -15.24 24.98
CA ARG C 6 13.93 -13.82 24.90
C ARG C 6 13.12 -13.12 23.82
N LYS C 7 12.60 -13.87 22.84
CA LYS C 7 11.68 -13.29 21.87
C LYS C 7 10.33 -13.00 22.52
N GLN C 8 9.85 -13.88 23.40
CA GLN C 8 8.65 -13.59 24.16
C GLN C 8 8.84 -12.38 25.07
N GLU C 9 10.08 -12.13 25.49
CA GLU C 9 10.36 -10.91 26.25
C GLU C 9 10.19 -9.67 25.38
N ILE C 10 10.67 -9.73 24.13
CA ILE C 10 10.53 -8.60 23.22
C ILE C 10 9.06 -8.36 22.89
N ILE C 11 8.30 -9.44 22.69
CA ILE C 11 6.88 -9.30 22.35
C ILE C 11 6.14 -8.58 23.46
N LYS C 12 6.50 -8.85 24.72
CA LYS C 12 5.82 -8.22 25.85
C LYS C 12 6.24 -6.77 26.03
N VAL C 13 7.55 -6.49 25.96
CA VAL C 13 8.00 -5.12 26.13
C VAL C 13 7.50 -4.24 25.00
N ASN C 14 7.35 -4.79 23.80
CA ASN C 14 6.83 -4.01 22.69
C ASN C 14 5.35 -3.71 22.86
N GLN C 15 4.60 -4.66 23.42
CA GLN C 15 3.17 -4.45 23.67
C GLN C 15 2.94 -3.41 24.75
N GLN C 16 3.83 -3.33 25.75
CA GLN C 16 3.72 -2.27 26.74
C GLN C 16 3.93 -0.90 26.10
N LEU C 17 4.85 -0.81 25.14
CA LEU C 17 5.07 0.44 24.43
C LEU C 17 3.83 0.84 23.65
N ILE C 18 3.19 -0.11 22.97
CA ILE C 18 2.00 0.20 22.18
C ILE C 18 0.85 0.63 23.09
N GLU C 19 0.63 -0.09 24.19
CA GLU C 19 -0.45 0.27 25.10
C GLU C 19 -0.19 1.64 25.76
N ALA C 20 1.08 1.95 26.05
CA ALA C 20 1.41 3.28 26.53
C ALA C 20 1.01 4.34 25.52
N ILE C 21 1.23 4.06 24.24
CA ILE C 21 0.78 4.97 23.19
C ILE C 21 -0.74 5.02 23.15
N SER C 22 -1.37 3.84 23.26
CA SER C 22 -2.83 3.77 23.20
C SER C 22 -3.47 4.53 24.35
N ASN C 23 -2.91 4.40 25.55
CA ASN C 23 -3.46 5.10 26.71
C ASN C 23 -3.02 6.55 26.81
N GLY C 24 -1.96 6.92 26.10
CA GLY C 24 -1.43 8.27 26.18
C GLY C 24 -0.46 8.51 27.31
N ASP C 25 0.09 7.46 27.89
CA ASP C 25 1.03 7.59 29.01
C ASP C 25 2.40 7.93 28.43
N PHE C 26 2.69 9.23 28.35
CA PHE C 26 3.94 9.69 27.76
C PHE C 26 5.14 9.39 28.65
N GLU C 27 4.96 9.41 29.97
CA GLU C 27 6.12 9.21 30.84
C GLU C 27 6.60 7.76 30.80
N SER C 28 5.69 6.80 30.66
CA SER C 28 6.11 5.43 30.39
C SER C 28 6.71 5.30 29.00
N TYR C 29 6.19 6.07 28.03
CA TYR C 29 6.78 6.09 26.70
C TYR C 29 8.24 6.53 26.78
N THR C 30 8.51 7.60 27.54
CA THR C 30 9.87 8.09 27.68
C THR C 30 10.77 7.09 28.40
N LYS C 31 10.21 6.33 29.37
CA LYS C 31 11.01 5.34 30.07
C LYS C 31 11.56 4.31 29.11
N MET C 32 10.71 3.81 28.23
CA MET C 32 11.04 2.70 27.36
C MET C 32 11.80 3.10 26.12
N CYS C 33 11.89 4.39 25.83
CA CYS C 33 12.53 4.87 24.60
C CYS C 33 13.88 5.50 24.93
N ASP C 34 14.88 5.16 24.14
CA ASP C 34 16.16 5.84 24.21
C ASP C 34 15.95 7.32 23.84
N PRO C 35 16.53 8.26 24.60
CA PRO C 35 16.34 9.68 24.27
C PRO C 35 16.76 10.07 22.85
N GLY C 36 17.60 9.29 22.18
CA GLY C 36 18.03 9.66 20.84
C GLY C 36 17.43 8.82 19.71
N MET C 37 16.23 8.30 19.91
CA MET C 37 15.58 7.48 18.90
C MET C 37 15.16 8.31 17.69
N THR C 38 15.17 7.65 16.52
CA THR C 38 14.74 8.24 15.26
C THR C 38 13.51 7.52 14.75
N ALA C 39 12.76 8.18 13.86
CA ALA C 39 11.49 7.61 13.42
C ALA C 39 11.18 7.99 11.98
N PHE C 40 10.78 6.99 11.18
CA PHE C 40 10.07 7.18 9.93
C PHE C 40 8.60 6.83 10.17
N GLU C 41 7.71 7.77 9.92
CA GLU C 41 6.29 7.52 10.10
C GLU C 41 5.49 8.44 9.19
N PRO C 42 4.25 8.05 8.85
CA PRO C 42 3.47 8.88 7.91
C PRO C 42 3.33 10.34 8.35
N GLU C 43 3.17 10.59 9.66
CA GLU C 43 3.03 11.96 10.12
C GLU C 43 4.27 12.81 9.88
N ALA C 44 5.44 12.19 9.70
CA ALA C 44 6.68 12.93 9.46
C ALA C 44 6.90 13.24 7.99
N LEU C 45 5.96 12.87 7.11
CA LEU C 45 5.97 13.28 5.71
C LEU C 45 7.24 12.85 4.98
N GLY C 46 7.71 11.63 5.26
CA GLY C 46 8.85 11.08 4.57
C GLY C 46 10.19 11.50 5.11
N ASN C 47 10.25 12.18 6.25
CA ASN C 47 11.48 12.60 6.88
C ASN C 47 11.77 11.76 8.11
N LEU C 48 13.06 11.69 8.45
CA LEU C 48 13.50 11.05 9.69
C LEU C 48 13.55 12.10 10.80
N VAL C 49 12.79 11.88 11.86
CA VAL C 49 12.68 12.83 12.96
C VAL C 49 13.33 12.26 14.21
N GLU C 50 13.58 13.15 15.17
CA GLU C 50 14.41 12.85 16.34
C GLU C 50 13.63 12.20 17.49
N GLY C 51 12.53 11.52 17.19
CA GLY C 51 11.88 10.64 18.16
C GLY C 51 11.03 11.30 19.23
N LEU C 52 11.64 11.70 20.35
CA LEU C 52 10.87 12.17 21.49
C LEU C 52 10.45 13.62 21.39
N ASP C 53 11.16 14.42 20.60
CA ASP C 53 10.75 15.82 20.44
C ASP C 53 9.51 15.89 19.55
N PHE C 54 9.51 15.12 18.46
CA PHE C 54 8.39 15.14 17.52
C PHE C 54 7.14 14.48 18.10
N HIS C 55 7.31 13.39 18.86
CA HIS C 55 6.16 12.65 19.35
C HIS C 55 5.50 13.29 20.58
N ARG C 56 6.24 14.10 21.34
CA ARG C 56 5.65 14.72 22.52
C ARG C 56 4.47 15.63 22.16
N PHE C 57 4.38 16.06 20.90
CA PHE C 57 3.30 16.95 20.49
C PHE C 57 1.98 16.18 20.36
N TYR C 58 2.03 14.93 19.90
CA TYR C 58 0.80 14.16 19.72
C TYR C 58 0.23 13.68 21.05
N PHE C 59 1.09 13.35 22.02
CA PHE C 59 0.60 12.96 23.34
C PHE C 59 -0.13 14.11 24.02
N GLU C 60 0.46 15.31 23.97
CA GLU C 60 -0.04 16.45 24.73
C GLU C 60 -1.31 17.04 24.16
N ASN C 61 -1.64 16.77 22.90
CA ASN C 61 -2.77 17.43 22.24
C ASN C 61 -3.87 16.49 21.79
N LEU C 62 -3.69 15.19 21.90
CA LEU C 62 -4.73 14.22 21.53
C LEU C 62 -5.54 13.81 22.77
N TRP C 63 -6.11 14.81 23.43
CA TRP C 63 -6.90 14.57 24.63
C TRP C 63 -8.38 14.33 24.33
N SER C 64 -8.84 14.65 23.11
CA SER C 64 -10.24 14.45 22.73
C SER C 64 -10.56 13.00 22.36
N ARG C 65 -9.65 12.06 22.64
CA ARG C 65 -9.84 10.68 22.22
C ARG C 65 -9.70 9.66 23.35
N ASN C 66 -9.29 10.07 24.55
CA ASN C 66 -9.12 9.11 25.64
C ASN C 66 -10.43 8.39 25.93
N SER C 67 -11.56 9.07 25.79
CA SER C 67 -12.86 8.44 25.93
C SER C 67 -13.28 7.78 24.62
N LYS C 68 -12.41 6.92 24.07
CA LYS C 68 -12.70 6.17 22.86
C LYS C 68 -12.00 4.81 23.00
N PRO C 69 -12.75 3.71 22.88
CA PRO C 69 -12.12 2.38 23.01
C PRO C 69 -11.41 1.98 21.73
N VAL C 70 -10.15 1.55 21.87
CA VAL C 70 -9.34 1.06 20.77
C VAL C 70 -8.69 -0.24 21.19
N HIS C 71 -8.49 -1.13 20.21
CA HIS C 71 -7.83 -2.41 20.45
C HIS C 71 -6.76 -2.61 19.38
N ASN C 72 -5.53 -2.83 19.82
CA ASN C 72 -4.39 -3.03 18.94
C ASN C 72 -3.96 -4.49 18.92
N THR C 73 -3.65 -5.00 17.73
CA THR C 73 -3.20 -6.37 17.53
C THR C 73 -1.91 -6.36 16.75
N MET C 74 -0.94 -7.17 17.19
CA MET C 74 0.29 -7.40 16.45
C MET C 74 0.18 -8.75 15.74
N LEU C 75 0.18 -8.72 14.42
CA LEU C 75 -0.05 -9.92 13.62
C LEU C 75 1.27 -10.56 13.23
N ASN C 76 1.44 -11.82 13.60
CA ASN C 76 2.58 -12.66 13.24
C ASN C 76 3.89 -11.87 13.39
N PRO C 77 4.24 -11.46 14.61
CA PRO C 77 5.48 -10.69 14.78
C PRO C 77 6.69 -11.56 14.46
N HIS C 78 7.64 -10.99 13.74
CA HIS C 78 8.89 -11.67 13.42
C HIS C 78 10.00 -10.94 14.15
N ILE C 79 10.81 -11.68 14.90
CA ILE C 79 11.82 -11.11 15.77
C ILE C 79 13.19 -11.60 15.33
N HIS C 80 14.09 -10.66 15.06
CA HIS C 80 15.48 -10.97 14.80
C HIS C 80 16.29 -10.61 16.04
N LEU C 81 16.96 -11.60 16.62
CA LEU C 81 17.84 -11.36 17.76
C LEU C 81 19.26 -11.17 17.24
N MET C 82 19.88 -10.06 17.62
CA MET C 82 21.25 -9.72 17.23
C MET C 82 22.12 -9.71 18.48
N GLY C 83 22.60 -10.89 18.87
CA GLY C 83 23.38 -11.03 20.09
C GLY C 83 22.47 -11.18 21.29
N ASP C 84 22.87 -10.62 22.43
CA ASP C 84 22.06 -10.69 23.64
C ASP C 84 21.61 -9.33 24.15
N GLU C 85 21.97 -8.24 23.46
CA GLU C 85 21.60 -6.89 23.93
C GLU C 85 20.85 -6.09 22.87
N SER C 86 20.50 -6.69 21.74
CA SER C 86 19.79 -5.99 20.69
C SER C 86 18.78 -6.93 20.04
N ALA C 87 17.63 -6.37 19.65
CA ALA C 87 16.58 -7.15 19.01
C ALA C 87 15.84 -6.25 18.04
N CYS C 88 15.32 -6.87 16.98
CA CYS C 88 14.59 -6.17 15.92
C CYS C 88 13.31 -6.93 15.65
N ILE C 89 12.17 -6.25 15.79
CA ILE C 89 10.86 -6.88 15.68
C ILE C 89 10.06 -6.17 14.59
N ALA C 90 9.41 -6.97 13.74
CA ALA C 90 8.60 -6.46 12.64
C ALA C 90 7.25 -7.15 12.67
N TYR C 91 6.19 -6.39 12.40
CA TYR C 91 4.84 -6.92 12.56
C TYR C 91 3.85 -6.03 11.84
N ILE C 92 2.72 -6.62 11.47
CA ILE C 92 1.57 -5.89 10.98
C ILE C 92 0.74 -5.45 12.19
N ARG C 93 0.38 -4.17 12.23
CA ARG C 93 -0.41 -3.61 13.32
C ARG C 93 -1.83 -3.33 12.85
N ILE C 94 -2.79 -4.04 13.43
CA ILE C 94 -4.20 -3.81 13.16
C ILE C 94 -4.81 -3.09 14.36
N THR C 95 -5.48 -1.96 14.09
CA THR C 95 -6.08 -1.14 15.13
C THR C 95 -7.58 -1.10 14.92
N GLN C 96 -8.33 -1.56 15.93
CA GLN C 96 -9.79 -1.47 15.92
C GLN C 96 -10.21 -0.28 16.77
N TYR C 97 -11.10 0.55 16.22
CA TYR C 97 -11.51 1.75 16.94
C TYR C 97 -12.91 2.16 16.50
N LEU C 98 -13.45 3.17 17.19
CA LEU C 98 -14.73 3.78 16.86
C LEU C 98 -14.52 5.22 16.41
N ASP C 99 -15.28 5.62 15.39
CA ASP C 99 -15.21 6.98 14.86
C ASP C 99 -16.11 7.91 15.67
N ALA C 100 -16.24 9.15 15.18
CA ALA C 100 -17.18 10.09 15.78
C ALA C 100 -18.61 9.58 15.68
N GLY C 101 -18.95 8.93 14.57
CA GLY C 101 -20.26 8.37 14.35
C GLY C 101 -20.57 7.11 15.11
N GLY C 102 -19.61 6.57 15.86
CA GLY C 102 -19.79 5.36 16.62
C GLY C 102 -19.69 4.08 15.84
N ILE C 103 -19.21 4.11 14.61
CA ILE C 103 -19.14 2.87 13.83
C ILE C 103 -17.73 2.25 13.89
N PRO C 104 -17.65 0.94 14.07
CA PRO C 104 -16.33 0.31 14.24
C PRO C 104 -15.50 0.36 12.96
N ARG C 105 -14.21 0.65 13.11
CA ARG C 105 -13.29 0.73 11.99
C ARG C 105 -12.04 -0.07 12.29
N THR C 106 -11.30 -0.37 11.22
CA THR C 106 -10.02 -1.04 11.32
C THR C 106 -9.01 -0.33 10.44
N ALA C 107 -7.78 -0.21 10.94
CA ALA C 107 -6.68 0.39 10.19
C ALA C 107 -5.48 -0.55 10.26
N GLN C 108 -4.73 -0.63 9.17
CA GLN C 108 -3.53 -1.45 9.12
C GLN C 108 -2.31 -0.56 8.91
N SER C 109 -1.23 -0.89 9.60
CA SER C 109 0.08 -0.32 9.33
C SER C 109 1.12 -1.42 9.50
N GLU C 110 2.30 -1.17 8.94
CA GLU C 110 3.44 -2.07 9.10
C GLU C 110 4.50 -1.34 9.91
N GLU C 111 5.00 -2.01 10.95
CA GLU C 111 5.90 -1.38 11.89
C GLU C 111 7.17 -2.20 12.05
N THR C 112 8.31 -1.53 11.98
CA THR C 112 9.60 -2.08 12.37
C THR C 112 10.08 -1.30 13.59
N ARG C 113 10.45 -2.02 14.65
CA ARG C 113 10.96 -1.39 15.86
C ARG C 113 12.21 -2.11 16.33
N VAL C 114 13.25 -1.34 16.63
CA VAL C 114 14.55 -1.88 17.03
C VAL C 114 14.75 -1.56 18.51
N TRP C 115 15.18 -2.57 19.26
CA TRP C 115 15.31 -2.48 20.72
C TRP C 115 16.74 -2.77 21.15
N HIS C 116 17.15 -2.13 22.25
CA HIS C 116 18.49 -2.28 22.81
C HIS C 116 18.36 -2.50 24.31
N ARG C 117 18.91 -3.60 24.80
CA ARG C 117 18.92 -3.88 26.23
C ARG C 117 19.92 -2.94 26.90
N ARG C 118 19.41 -1.90 27.55
CA ARG C 118 20.23 -0.93 28.25
C ARG C 118 20.16 -1.20 29.75
N ASP C 119 21.31 -1.41 30.37
CA ASP C 119 21.39 -1.80 31.77
C ASP C 119 20.57 -3.06 32.01
N GLY C 120 19.40 -2.92 32.63
CA GLY C 120 18.55 -4.06 32.88
C GLY C 120 17.19 -3.99 32.22
N LYS C 121 16.97 -2.97 31.38
CA LYS C 121 15.70 -2.77 30.70
C LYS C 121 15.91 -2.53 29.22
N TRP C 122 14.95 -3.00 28.42
CA TRP C 122 15.00 -2.84 26.97
C TRP C 122 14.59 -1.42 26.59
N GLN C 123 15.36 -0.80 25.69
CA GLN C 123 15.12 0.57 25.26
C GLN C 123 14.89 0.62 23.76
N HIS C 124 13.86 1.38 23.36
CA HIS C 124 13.46 1.53 21.97
C HIS C 124 14.32 2.59 21.29
N VAL C 125 15.03 2.20 20.22
CA VAL C 125 16.03 3.07 19.60
C VAL C 125 15.62 3.57 18.22
N HIS C 126 14.77 2.84 17.49
CA HIS C 126 14.37 3.26 16.16
C HIS C 126 13.07 2.58 15.76
N MET C 127 12.21 3.33 15.07
CA MET C 127 10.96 2.78 14.56
C MET C 127 10.74 3.21 13.12
N HIS C 128 10.04 2.37 12.37
CA HIS C 128 9.65 2.66 10.99
C HIS C 128 8.22 2.16 10.81
N ARG C 129 7.29 3.08 10.57
CA ARG C 129 5.88 2.73 10.34
C ARG C 129 5.48 3.20 8.96
N SER C 130 4.86 2.30 8.20
CA SER C 130 4.26 2.64 6.92
C SER C 130 2.79 2.21 6.92
N GLY C 131 2.00 2.86 6.09
CA GLY C 131 0.60 2.53 5.99
C GLY C 131 -0.30 3.66 6.43
N ALA C 132 -1.10 3.41 7.46
CA ALA C 132 -2.10 4.35 7.97
C ALA C 132 -1.52 5.19 9.09
N PRO C 133 -1.77 6.50 9.09
CA PRO C 133 -1.23 7.37 10.13
C PRO C 133 -1.84 7.05 11.49
N SER C 134 -1.01 7.12 12.54
CA SER C 134 -1.48 6.85 13.89
C SER C 134 -2.54 7.82 14.36
N VAL C 135 -2.67 8.97 13.70
CA VAL C 135 -3.69 9.96 14.07
C VAL C 135 -4.72 10.10 12.97
N MET D 4 32.57 8.60 13.35
CA MET D 4 33.13 7.35 13.86
C MET D 4 33.22 6.31 12.74
N VAL D 5 34.42 5.74 12.57
CA VAL D 5 34.63 4.76 11.51
C VAL D 5 33.81 3.50 11.79
N ARG D 6 33.53 3.22 13.06
CA ARG D 6 32.60 2.15 13.41
C ARG D 6 31.24 2.37 12.74
N LYS D 7 30.82 3.63 12.61
CA LYS D 7 29.62 3.96 11.85
C LYS D 7 29.90 4.07 10.36
N GLN D 8 31.10 4.53 9.98
CA GLN D 8 31.49 4.54 8.57
C GLN D 8 31.54 3.14 8.00
N GLU D 9 31.61 2.12 8.86
CA GLU D 9 31.58 0.73 8.40
C GLU D 9 30.18 0.33 7.97
N ILE D 10 29.17 0.74 8.73
CA ILE D 10 27.79 0.38 8.41
C ILE D 10 27.34 1.02 7.11
N ILE D 11 27.65 2.31 6.91
CA ILE D 11 27.23 2.98 5.67
C ILE D 11 27.89 2.32 4.46
N LYS D 12 29.15 1.90 4.61
CA LYS D 12 29.85 1.30 3.48
C LYS D 12 29.17 0.02 3.02
N VAL D 13 28.96 -0.93 3.94
CA VAL D 13 28.31 -2.18 3.58
C VAL D 13 26.89 -1.95 3.11
N ASN D 14 26.23 -0.91 3.63
CA ASN D 14 24.87 -0.61 3.20
C ASN D 14 24.84 -0.04 1.79
N GLN D 15 25.80 0.83 1.46
CA GLN D 15 25.85 1.37 0.10
C GLN D 15 26.28 0.32 -0.92
N GLN D 16 27.09 -0.65 -0.49
CA GLN D 16 27.44 -1.75 -1.39
C GLN D 16 26.20 -2.56 -1.75
N LEU D 17 25.30 -2.76 -0.79
CA LEU D 17 24.04 -3.44 -1.07
C LEU D 17 23.20 -2.67 -2.07
N ILE D 18 23.13 -1.34 -1.90
CA ILE D 18 22.33 -0.52 -2.81
C ILE D 18 22.89 -0.53 -4.21
N GLU D 19 24.22 -0.61 -4.36
CA GLU D 19 24.80 -0.65 -5.70
C GLU D 19 24.47 -1.96 -6.41
N ALA D 20 24.45 -3.07 -5.67
CA ALA D 20 24.12 -4.36 -6.25
C ALA D 20 22.69 -4.36 -6.80
N ILE D 21 21.78 -3.68 -6.11
CA ILE D 21 20.38 -3.63 -6.56
C ILE D 21 20.28 -2.91 -7.91
N SER D 22 20.96 -1.77 -8.05
CA SER D 22 20.86 -1.00 -9.28
C SER D 22 21.42 -1.78 -10.47
N ASN D 23 22.53 -2.49 -10.28
CA ASN D 23 23.17 -3.23 -11.36
C ASN D 23 22.52 -4.57 -11.63
N GLY D 24 21.72 -5.09 -10.69
CA GLY D 24 21.16 -6.42 -10.84
C GLY D 24 22.07 -7.53 -10.35
N ASP D 25 23.06 -7.21 -9.52
CA ASP D 25 24.03 -8.18 -9.01
C ASP D 25 23.40 -8.95 -7.86
N PHE D 26 22.77 -10.07 -8.19
CA PHE D 26 22.12 -10.88 -7.16
C PHE D 26 23.13 -11.65 -6.31
N GLU D 27 24.32 -11.93 -6.87
CA GLU D 27 25.32 -12.68 -6.12
C GLU D 27 25.85 -11.87 -4.94
N SER D 28 26.23 -10.62 -5.18
CA SER D 28 26.70 -9.77 -4.09
C SER D 28 25.59 -9.49 -3.10
N TYR D 29 24.35 -9.36 -3.59
CA TYR D 29 23.21 -9.15 -2.73
C TYR D 29 23.05 -10.31 -1.75
N THR D 30 23.15 -11.55 -2.26
CA THR D 30 22.99 -12.73 -1.41
C THR D 30 24.09 -12.84 -0.37
N LYS D 31 25.32 -12.47 -0.73
CA LYS D 31 26.42 -12.54 0.24
C LYS D 31 26.18 -11.61 1.42
N MET D 32 25.69 -10.40 1.16
CA MET D 32 25.52 -9.41 2.22
C MET D 32 24.24 -9.62 3.01
N CYS D 33 23.33 -10.48 2.56
CA CYS D 33 22.05 -10.69 3.23
C CYS D 33 22.04 -12.03 3.94
N ASP D 34 21.55 -12.03 5.18
CA ASP D 34 21.29 -13.27 5.86
C ASP D 34 20.20 -14.03 5.10
N PRO D 35 20.33 -15.34 4.93
CA PRO D 35 19.31 -16.09 4.16
C PRO D 35 17.89 -15.92 4.68
N GLY D 36 17.71 -15.55 5.95
CA GLY D 36 16.38 -15.39 6.51
C GLY D 36 15.97 -13.94 6.73
N MET D 37 16.49 -13.03 5.91
CA MET D 37 16.15 -11.62 6.07
C MET D 37 14.68 -11.39 5.73
N THR D 38 14.09 -10.40 6.41
CA THR D 38 12.70 -10.03 6.20
C THR D 38 12.62 -8.62 5.63
N ALA D 39 11.50 -8.31 4.99
CA ALA D 39 11.36 -7.04 4.29
C ALA D 39 9.92 -6.55 4.33
N PHE D 40 9.76 -5.27 4.66
CA PHE D 40 8.54 -4.51 4.38
C PHE D 40 8.85 -3.59 3.20
N GLU D 41 8.00 -3.63 2.17
CA GLU D 41 8.22 -2.79 1.00
C GLU D 41 6.92 -2.65 0.24
N PRO D 42 6.74 -1.58 -0.54
CA PRO D 42 5.47 -1.40 -1.26
C PRO D 42 5.12 -2.54 -2.19
N GLU D 43 6.11 -3.15 -2.84
CA GLU D 43 5.84 -4.26 -3.76
C GLU D 43 5.24 -5.46 -3.04
N ALA D 44 5.43 -5.57 -1.73
CA ALA D 44 4.88 -6.68 -0.95
C ALA D 44 3.47 -6.42 -0.43
N LEU D 45 2.87 -5.28 -0.79
CA LEU D 45 1.46 -5.01 -0.52
C LEU D 45 1.15 -5.07 0.98
N GLY D 46 2.05 -4.52 1.79
CA GLY D 46 1.81 -4.45 3.22
C GLY D 46 2.12 -5.70 3.99
N ASN D 47 2.76 -6.69 3.35
CA ASN D 47 3.13 -7.93 4.00
C ASN D 47 4.63 -7.98 4.26
N LEU D 48 5.01 -8.77 5.27
CA LEU D 48 6.40 -9.06 5.55
C LEU D 48 6.80 -10.30 4.76
N VAL D 49 7.80 -10.16 3.91
CA VAL D 49 8.26 -11.25 3.05
C VAL D 49 9.64 -11.67 3.53
N GLU D 50 9.89 -12.99 3.50
CA GLU D 50 11.07 -13.58 4.10
C GLU D 50 12.02 -14.07 3.02
N GLY D 51 13.31 -14.03 3.34
CA GLY D 51 14.33 -14.54 2.45
C GLY D 51 14.43 -13.79 1.14
N LEU D 52 15.39 -14.21 0.31
CA LEU D 52 15.71 -13.53 -0.93
C LEU D 52 14.84 -13.99 -2.09
N ASP D 53 13.83 -14.81 -1.79
CA ASP D 53 12.97 -15.37 -2.84
C ASP D 53 12.07 -14.30 -3.46
N PHE D 54 11.50 -13.41 -2.63
CA PHE D 54 10.62 -12.39 -3.16
C PHE D 54 11.38 -11.41 -4.05
N HIS D 55 12.62 -11.09 -3.67
CA HIS D 55 13.39 -10.09 -4.39
C HIS D 55 14.02 -10.64 -5.66
N ARG D 56 14.35 -11.94 -5.66
CA ARG D 56 15.00 -12.57 -6.81
C ARG D 56 14.20 -12.37 -8.10
N PHE D 57 12.88 -12.26 -7.98
CA PHE D 57 12.02 -12.10 -9.16
C PHE D 57 12.34 -10.80 -9.90
N TYR D 58 12.66 -9.75 -9.16
CA TYR D 58 12.91 -8.45 -9.80
C TYR D 58 14.27 -8.43 -10.48
N PHE D 59 15.26 -9.09 -9.87
CA PHE D 59 16.58 -9.21 -10.48
C PHE D 59 16.53 -10.02 -11.76
N GLU D 60 15.82 -11.15 -11.74
CA GLU D 60 15.82 -12.09 -12.85
C GLU D 60 15.03 -11.58 -14.05
N ASN D 61 14.14 -10.60 -13.85
CA ASN D 61 13.24 -10.16 -14.90
C ASN D 61 13.40 -8.71 -15.30
N LEU D 62 14.22 -7.92 -14.60
CA LEU D 62 14.42 -6.52 -14.95
C LEU D 62 15.90 -6.19 -15.20
N TRP D 63 16.71 -7.20 -15.52
CA TRP D 63 18.13 -6.98 -15.79
C TRP D 63 18.43 -6.70 -17.25
N SER D 64 17.55 -7.08 -18.17
CA SER D 64 17.78 -6.84 -19.58
C SER D 64 17.52 -5.40 -19.99
N ARG D 65 16.80 -4.64 -19.17
CA ARG D 65 16.50 -3.25 -19.45
C ARG D 65 17.57 -2.29 -18.92
N ASN D 66 18.72 -2.82 -18.47
CA ASN D 66 19.78 -2.00 -17.89
C ASN D 66 20.27 -0.95 -18.86
N SER D 67 19.80 -1.02 -20.11
CA SER D 67 20.05 0.06 -21.07
C SER D 67 19.56 1.39 -20.51
N LYS D 68 18.48 1.36 -19.74
CA LYS D 68 17.92 2.57 -19.16
C LYS D 68 18.92 3.16 -18.15
N PRO D 69 19.22 4.45 -18.23
CA PRO D 69 20.13 5.06 -17.24
C PRO D 69 19.37 5.47 -15.98
N VAL D 70 19.89 5.05 -14.82
CA VAL D 70 19.31 5.37 -13.53
C VAL D 70 20.42 5.85 -12.60
N HIS D 71 20.09 6.79 -11.72
CA HIS D 71 21.04 7.29 -10.73
C HIS D 71 20.34 7.33 -9.38
N ASN D 72 20.94 6.67 -8.39
CA ASN D 72 20.37 6.61 -7.03
C ASN D 72 21.17 7.50 -6.09
N THR D 73 20.47 8.20 -5.21
CA THR D 73 21.08 9.11 -4.25
C THR D 73 20.60 8.77 -2.85
N MET D 74 21.54 8.48 -1.96
CA MET D 74 21.27 8.35 -0.53
C MET D 74 21.38 9.74 0.11
N LEU D 75 20.61 9.94 1.19
CA LEU D 75 20.50 11.26 1.81
C LEU D 75 20.43 11.11 3.33
N ASN D 76 21.37 11.77 4.04
CA ASN D 76 21.44 11.87 5.49
C ASN D 76 21.22 10.55 6.22
N PRO D 77 22.13 9.57 6.08
CA PRO D 77 21.95 8.31 6.81
C PRO D 77 22.17 8.52 8.30
N HIS D 78 21.29 7.93 9.11
CA HIS D 78 21.40 7.95 10.56
C HIS D 78 21.61 6.53 11.06
N ILE D 79 22.60 6.33 11.92
CA ILE D 79 23.01 4.99 12.36
C ILE D 79 22.86 4.88 13.87
N HIS D 80 22.11 3.86 14.30
CA HIS D 80 22.00 3.50 15.72
C HIS D 80 22.84 2.25 15.98
N LEU D 81 23.80 2.36 16.89
CA LEU D 81 24.61 1.23 17.31
C LEU D 81 24.10 0.64 18.62
N MET D 82 23.86 -0.66 18.63
CA MET D 82 23.43 -1.40 19.82
C MET D 82 24.52 -2.42 20.13
N GLY D 83 25.57 -1.97 20.80
CA GLY D 83 26.70 -2.85 21.08
C GLY D 83 27.70 -2.90 19.94
N ASP D 84 28.27 -4.10 19.70
CA ASP D 84 29.30 -4.26 18.69
C ASP D 84 28.88 -5.15 17.51
N GLU D 85 27.87 -5.99 17.68
CA GLU D 85 27.43 -6.90 16.63
C GLU D 85 26.11 -6.47 15.99
N SER D 86 25.66 -5.24 16.24
CA SER D 86 24.35 -4.82 15.77
C SER D 86 24.37 -3.34 15.42
N ALA D 87 23.66 -2.99 14.36
CA ALA D 87 23.53 -1.60 13.93
C ALA D 87 22.20 -1.43 13.24
N CYS D 88 21.89 -0.19 12.86
CA CYS D 88 20.62 0.15 12.22
C CYS D 88 20.79 1.47 11.50
N ILE D 89 20.47 1.50 10.21
CA ILE D 89 20.71 2.67 9.36
C ILE D 89 19.41 3.06 8.67
N ALA D 90 19.12 4.37 8.66
CA ALA D 90 17.92 4.91 8.03
C ALA D 90 18.30 6.12 7.18
N TYR D 91 17.66 6.24 6.02
CA TYR D 91 18.04 7.26 5.05
C TYR D 91 16.92 7.42 4.02
N ILE D 92 16.88 8.60 3.40
CA ILE D 92 16.02 8.85 2.25
C ILE D 92 16.74 8.41 0.98
N ARG D 93 16.06 7.64 0.14
CA ARG D 93 16.60 7.11 -1.11
C ARG D 93 15.95 7.85 -2.28
N ILE D 94 16.75 8.57 -3.05
CA ILE D 94 16.29 9.31 -4.22
C ILE D 94 16.74 8.58 -5.49
N THR D 95 15.79 8.32 -6.38
CA THR D 95 16.05 7.59 -7.63
C THR D 95 15.65 8.46 -8.83
N GLN D 96 16.61 8.72 -9.72
CA GLN D 96 16.36 9.40 -10.99
C GLN D 96 16.28 8.39 -12.12
N TYR D 97 15.27 8.53 -12.99
CA TYR D 97 15.03 7.56 -14.05
C TYR D 97 14.35 8.26 -15.23
N LEU D 98 14.16 7.51 -16.32
CA LEU D 98 13.45 7.96 -17.51
C LEU D 98 12.15 7.18 -17.69
N ASP D 99 11.08 7.89 -18.03
CA ASP D 99 9.80 7.21 -18.28
C ASP D 99 9.74 6.76 -19.74
N ALA D 100 8.55 6.30 -20.16
CA ALA D 100 8.36 5.86 -21.55
C ALA D 100 8.67 6.95 -22.57
N GLY D 101 8.31 8.20 -22.26
CA GLY D 101 8.58 9.28 -23.18
C GLY D 101 10.01 9.74 -23.23
N GLY D 102 10.88 9.14 -22.43
CA GLY D 102 12.26 9.57 -22.37
C GLY D 102 12.49 10.79 -21.51
N ILE D 103 11.53 11.19 -20.70
CA ILE D 103 11.67 12.35 -19.83
C ILE D 103 12.09 11.87 -18.44
N PRO D 104 13.07 12.51 -17.82
CA PRO D 104 13.50 12.14 -16.48
C PRO D 104 12.49 12.46 -15.41
N ARG D 105 12.39 11.57 -14.44
CA ARG D 105 11.53 11.70 -13.27
C ARG D 105 12.37 11.36 -12.06
N THR D 106 11.84 11.70 -10.89
CA THR D 106 12.51 11.43 -9.62
C THR D 106 11.51 10.78 -8.67
N ALA D 107 11.99 9.81 -7.90
CA ALA D 107 11.17 9.13 -6.92
C ALA D 107 11.87 9.13 -5.57
N GLN D 108 11.10 9.25 -4.50
CA GLN D 108 11.60 9.22 -3.14
C GLN D 108 11.05 8.02 -2.39
N SER D 109 11.91 7.39 -1.58
CA SER D 109 11.50 6.38 -0.62
C SER D 109 12.30 6.55 0.65
N GLU D 110 11.79 5.97 1.75
CA GLU D 110 12.48 5.96 3.02
C GLU D 110 12.84 4.52 3.36
N GLU D 111 14.10 4.28 3.73
CA GLU D 111 14.59 2.92 3.95
C GLU D 111 15.24 2.79 5.32
N THR D 112 14.83 1.75 6.05
CA THR D 112 15.48 1.30 7.26
C THR D 112 16.12 -0.07 6.99
N ARG D 113 17.39 -0.22 7.34
CA ARG D 113 18.07 -1.51 7.16
C ARG D 113 18.82 -1.87 8.42
N VAL D 114 18.63 -3.11 8.88
CA VAL D 114 19.19 -3.61 10.13
C VAL D 114 20.28 -4.62 9.79
N TRP D 115 21.41 -4.54 10.49
CA TRP D 115 22.57 -5.37 10.23
C TRP D 115 22.99 -6.11 11.50
N HIS D 116 23.51 -7.34 11.33
CA HIS D 116 23.96 -8.16 12.44
C HIS D 116 25.31 -8.78 12.09
N ARG D 117 26.25 -8.73 13.04
CA ARG D 117 27.59 -9.29 12.83
C ARG D 117 27.58 -10.76 13.19
N ARG D 118 27.76 -11.61 12.19
CA ARG D 118 27.72 -13.06 12.36
C ARG D 118 29.13 -13.61 12.62
N ASP D 119 29.91 -13.78 11.55
CA ASP D 119 31.28 -14.26 11.64
C ASP D 119 32.21 -13.14 11.17
N GLY D 120 32.25 -12.06 11.94
CA GLY D 120 33.05 -10.92 11.54
C GLY D 120 32.60 -10.34 10.23
N LYS D 121 31.36 -10.62 9.83
CA LYS D 121 30.83 -10.29 8.52
C LYS D 121 29.46 -9.69 8.71
N TRP D 122 29.26 -8.46 8.23
CA TRP D 122 27.95 -7.83 8.37
C TRP D 122 26.95 -8.51 7.46
N GLN D 123 25.80 -8.87 8.01
CA GLN D 123 24.74 -9.55 7.30
C GLN D 123 23.48 -8.70 7.40
N HIS D 124 22.79 -8.53 6.27
CA HIS D 124 21.57 -7.73 6.24
C HIS D 124 20.43 -8.59 6.80
N VAL D 125 19.79 -8.12 7.88
CA VAL D 125 18.84 -8.94 8.61
C VAL D 125 17.39 -8.49 8.42
N HIS D 126 17.13 -7.21 8.17
CA HIS D 126 15.76 -6.75 7.97
C HIS D 126 15.77 -5.38 7.29
N MET D 127 14.79 -5.15 6.40
CA MET D 127 14.64 -3.86 5.76
C MET D 127 13.18 -3.43 5.76
N HIS D 128 12.97 -2.12 5.77
CA HIS D 128 11.64 -1.53 5.69
C HIS D 128 11.70 -0.33 4.75
N ARG D 129 10.97 -0.40 3.64
CA ARG D 129 10.91 0.69 2.67
C ARG D 129 9.47 1.18 2.55
N SER D 130 9.29 2.49 2.63
CA SER D 130 8.00 3.12 2.39
C SER D 130 8.17 4.20 1.33
N GLY D 131 7.05 4.50 0.65
CA GLY D 131 7.05 5.53 -0.37
C GLY D 131 6.76 5.03 -1.76
N ALA D 132 7.68 5.26 -2.68
CA ALA D 132 7.53 4.95 -4.09
C ALA D 132 8.11 3.57 -4.40
N PRO D 133 7.40 2.77 -5.19
CA PRO D 133 7.94 1.44 -5.55
C PRO D 133 9.18 1.60 -6.42
N SER D 134 10.10 0.65 -6.27
CA SER D 134 11.34 0.68 -7.03
C SER D 134 11.04 0.73 -8.52
N VAL D 135 11.49 1.80 -9.17
CA VAL D 135 11.24 1.98 -10.60
C VAL D 135 12.06 1.00 -11.41
N PRO E 2 -24.31 -42.96 8.74
CA PRO E 2 -24.93 -41.79 9.39
C PRO E 2 -24.43 -40.48 8.81
N HIS E 3 -24.03 -40.50 7.53
CA HIS E 3 -23.52 -39.29 6.91
C HIS E 3 -24.57 -38.20 6.85
N MET E 4 -25.85 -38.56 6.68
CA MET E 4 -26.90 -37.55 6.70
C MET E 4 -27.16 -37.06 8.12
N VAL E 5 -27.02 -37.92 9.12
CA VAL E 5 -27.15 -37.48 10.51
C VAL E 5 -26.08 -36.44 10.83
N ARG E 6 -24.85 -36.67 10.40
CA ARG E 6 -23.75 -35.77 10.73
C ARG E 6 -23.94 -34.40 10.07
N LYS E 7 -24.45 -34.38 8.83
CA LYS E 7 -24.67 -33.10 8.16
C LYS E 7 -25.78 -32.30 8.83
N GLN E 8 -26.86 -32.97 9.22
CA GLN E 8 -27.90 -32.28 9.99
C GLN E 8 -27.36 -31.76 11.31
N GLU E 9 -26.31 -32.41 11.84
CA GLU E 9 -25.70 -31.97 13.08
C GLU E 9 -24.84 -30.74 12.85
N ILE E 10 -24.06 -30.72 11.76
CA ILE E 10 -23.27 -29.54 11.42
C ILE E 10 -24.18 -28.37 11.09
N ILE E 11 -25.27 -28.64 10.37
CA ILE E 11 -26.20 -27.59 10.00
C ILE E 11 -26.76 -26.94 11.27
N LYS E 12 -27.09 -27.75 12.26
CA LYS E 12 -27.66 -27.25 13.50
C LYS E 12 -26.62 -26.47 14.32
N VAL E 13 -25.42 -27.03 14.46
CA VAL E 13 -24.41 -26.35 15.28
C VAL E 13 -23.99 -25.04 14.62
N ASN E 14 -23.97 -24.98 13.29
CA ASN E 14 -23.63 -23.74 12.61
C ASN E 14 -24.74 -22.71 12.77
N GLN E 15 -26.00 -23.15 12.79
CA GLN E 15 -27.11 -22.24 13.00
C GLN E 15 -27.08 -21.65 14.40
N GLN E 16 -26.61 -22.42 15.37
CA GLN E 16 -26.46 -21.92 16.73
C GLN E 16 -25.37 -20.85 16.79
N LEU E 17 -24.29 -21.01 16.04
CA LEU E 17 -23.24 -20.00 16.00
C LEU E 17 -23.77 -18.69 15.43
N ILE E 18 -24.53 -18.76 14.34
CA ILE E 18 -25.06 -17.55 13.72
C ILE E 18 -26.06 -16.88 14.64
N GLU E 19 -26.84 -17.67 15.38
CA GLU E 19 -27.77 -17.11 16.35
C GLU E 19 -27.05 -16.30 17.42
N ALA E 20 -25.93 -16.84 17.94
CA ALA E 20 -25.17 -16.13 18.95
C ALA E 20 -24.59 -14.83 18.41
N ILE E 21 -24.10 -14.85 17.17
CA ILE E 21 -23.57 -13.64 16.56
C ILE E 21 -24.67 -12.61 16.36
N SER E 22 -25.84 -13.04 15.87
CA SER E 22 -26.93 -12.11 15.59
C SER E 22 -27.41 -11.43 16.87
N ASN E 23 -27.50 -12.19 17.97
CA ASN E 23 -27.94 -11.61 19.23
C ASN E 23 -26.83 -10.89 19.97
N GLY E 24 -25.58 -11.14 19.59
CA GLY E 24 -24.46 -10.53 20.28
C GLY E 24 -24.02 -11.26 21.51
N ASP E 25 -24.41 -12.53 21.67
CA ASP E 25 -24.07 -13.31 22.86
C ASP E 25 -22.65 -13.84 22.69
N PHE E 26 -21.69 -13.06 23.20
CA PHE E 26 -20.28 -13.44 23.08
C PHE E 26 -19.92 -14.61 23.97
N GLU E 27 -20.64 -14.79 25.08
CA GLU E 27 -20.37 -15.91 25.97
C GLU E 27 -20.68 -17.24 25.30
N SER E 28 -21.84 -17.34 24.65
CA SER E 28 -22.15 -18.52 23.86
C SER E 28 -21.23 -18.65 22.66
N TYR E 29 -20.81 -17.51 22.08
CA TYR E 29 -19.87 -17.54 20.97
C TYR E 29 -18.57 -18.21 21.37
N THR E 30 -18.02 -17.82 22.53
CA THR E 30 -16.74 -18.37 22.97
C THR E 30 -16.83 -19.87 23.25
N LYS E 31 -17.97 -20.31 23.79
CA LYS E 31 -18.13 -21.73 24.08
C LYS E 31 -18.03 -22.58 22.82
N MET E 32 -18.61 -22.12 21.72
CA MET E 32 -18.68 -22.89 20.49
C MET E 32 -17.41 -22.82 19.66
N CYS E 33 -16.50 -21.91 19.99
CA CYS E 33 -15.30 -21.67 19.19
C CYS E 33 -14.06 -22.22 19.91
N ASP E 34 -13.20 -22.87 19.14
CA ASP E 34 -11.89 -23.25 19.65
C ASP E 34 -11.12 -21.99 20.04
N PRO E 35 -10.42 -21.99 21.18
CA PRO E 35 -9.68 -20.79 21.60
C PRO E 35 -8.68 -20.30 20.57
N GLY E 36 -8.22 -21.16 19.66
CA GLY E 36 -7.25 -20.75 18.66
C GLY E 36 -7.81 -20.64 17.26
N MET E 37 -9.10 -20.33 17.12
CA MET E 37 -9.70 -20.23 15.80
C MET E 37 -9.13 -19.04 15.04
N THR E 38 -9.05 -19.20 13.71
CA THR E 38 -8.54 -18.17 12.82
C THR E 38 -9.65 -17.68 11.91
N ALA E 39 -9.47 -16.48 11.36
CA ALA E 39 -10.54 -15.86 10.58
C ALA E 39 -9.94 -15.01 9.47
N PHE E 40 -10.48 -15.19 8.26
CA PHE E 40 -10.35 -14.24 7.16
C PHE E 40 -11.69 -13.53 7.02
N GLU E 41 -11.67 -12.20 7.08
CA GLU E 41 -12.90 -11.44 6.98
C GLU E 41 -12.57 -10.05 6.43
N PRO E 42 -13.55 -9.40 5.81
CA PRO E 42 -13.27 -8.05 5.25
C PRO E 42 -12.76 -7.06 6.29
N GLU E 43 -13.26 -7.13 7.53
CA GLU E 43 -12.82 -6.21 8.57
C GLU E 43 -11.36 -6.39 8.94
N ALA E 44 -10.77 -7.56 8.65
CA ALA E 44 -9.38 -7.83 8.99
C ALA E 44 -8.41 -7.35 7.92
N LEU E 45 -8.92 -6.71 6.87
CA LEU E 45 -8.08 -6.02 5.87
C LEU E 45 -7.09 -6.99 5.22
N GLY E 46 -7.55 -8.20 4.91
CA GLY E 46 -6.73 -9.15 4.20
C GLY E 46 -5.75 -9.94 5.04
N ASN E 47 -5.85 -9.84 6.36
CA ASN E 47 -4.98 -10.57 7.26
C ASN E 47 -5.74 -11.70 7.94
N LEU E 48 -5.01 -12.72 8.36
CA LEU E 48 -5.57 -13.80 9.16
C LEU E 48 -5.43 -13.43 10.63
N VAL E 49 -6.54 -13.35 11.35
CA VAL E 49 -6.55 -12.93 12.74
C VAL E 49 -6.99 -14.12 13.61
N GLU E 50 -6.75 -13.99 14.91
CA GLU E 50 -7.34 -14.91 15.87
C GLU E 50 -8.79 -14.50 16.10
N GLY E 51 -9.71 -15.43 15.83
CA GLY E 51 -11.12 -15.07 15.73
C GLY E 51 -11.70 -14.53 17.02
N LEU E 52 -11.24 -15.06 18.16
CA LEU E 52 -11.92 -14.70 19.41
C LEU E 52 -11.40 -13.40 20.00
N ASP E 53 -10.14 -13.03 19.74
CA ASP E 53 -9.65 -11.76 20.23
C ASP E 53 -10.14 -10.59 19.37
N PHE E 54 -10.09 -10.79 18.04
CA PHE E 54 -10.44 -9.71 17.12
C PHE E 54 -11.94 -9.41 17.15
N HIS E 55 -12.78 -10.43 17.30
CA HIS E 55 -14.22 -10.24 17.26
C HIS E 55 -14.80 -9.71 18.56
N ARG E 56 -14.05 -9.79 19.66
CA ARG E 56 -14.55 -9.29 20.94
C ARG E 56 -14.89 -7.80 20.86
N PHE E 57 -14.12 -7.04 20.07
CA PHE E 57 -14.40 -5.62 19.91
C PHE E 57 -15.75 -5.40 19.26
N TYR E 58 -16.14 -6.26 18.32
CA TYR E 58 -17.42 -6.08 17.64
C TYR E 58 -18.60 -6.48 18.50
N PHE E 59 -18.46 -7.53 19.32
CA PHE E 59 -19.52 -7.86 20.25
C PHE E 59 -19.71 -6.76 21.28
N GLU E 60 -18.60 -6.24 21.83
CA GLU E 60 -18.67 -5.31 22.95
C GLU E 60 -19.14 -3.92 22.53
N ASN E 61 -19.01 -3.55 21.26
CA ASN E 61 -19.35 -2.20 20.83
C ASN E 61 -20.44 -2.12 19.76
N LEU E 62 -20.81 -3.23 19.13
CA LEU E 62 -21.84 -3.15 18.10
C LEU E 62 -22.97 -4.16 18.32
N TRP E 63 -22.66 -5.45 18.21
CA TRP E 63 -23.69 -6.46 18.01
C TRP E 63 -24.52 -6.71 19.27
N SER E 64 -23.89 -6.67 20.45
CA SER E 64 -24.60 -7.01 21.68
C SER E 64 -25.70 -6.01 21.99
N ARG E 65 -25.45 -4.71 21.76
CA ARG E 65 -26.42 -3.69 22.10
C ARG E 65 -27.45 -3.46 21.00
N ASN E 66 -27.17 -3.86 19.77
CA ASN E 66 -28.11 -3.63 18.68
C ASN E 66 -29.36 -4.49 18.85
N SER E 67 -30.53 -3.85 18.76
CA SER E 67 -31.81 -4.53 18.79
C SER E 67 -32.63 -4.25 17.53
N LYS E 68 -32.00 -3.74 16.49
CA LYS E 68 -32.69 -3.49 15.24
C LYS E 68 -33.12 -4.82 14.61
N PRO E 69 -34.21 -4.82 13.83
CA PRO E 69 -34.64 -6.06 13.18
C PRO E 69 -33.63 -6.49 12.12
N VAL E 70 -33.19 -7.74 12.21
CA VAL E 70 -32.27 -8.33 11.23
C VAL E 70 -32.79 -9.71 10.88
N HIS E 71 -32.63 -10.10 9.61
CA HIS E 71 -32.98 -11.43 9.15
C HIS E 71 -31.84 -11.95 8.31
N ASN E 72 -31.28 -13.09 8.69
CA ASN E 72 -30.18 -13.72 7.98
C ASN E 72 -30.70 -14.96 7.26
N THR E 73 -30.26 -15.15 6.02
CA THR E 73 -30.70 -16.26 5.19
C THR E 73 -29.49 -17.03 4.68
N MET E 74 -29.32 -18.26 5.14
CA MET E 74 -28.32 -19.15 4.59
C MET E 74 -28.85 -19.77 3.30
N LEU E 75 -28.10 -19.65 2.22
CA LEU E 75 -28.53 -20.08 0.89
C LEU E 75 -27.66 -21.24 0.43
N ASN E 76 -28.31 -22.36 0.10
CA ASN E 76 -27.66 -23.55 -0.44
C ASN E 76 -26.39 -23.94 0.30
N PRO E 77 -26.49 -24.30 1.58
CA PRO E 77 -25.29 -24.71 2.31
C PRO E 77 -24.79 -26.05 1.77
N HIS E 78 -23.49 -26.13 1.57
CA HIS E 78 -22.83 -27.34 1.12
C HIS E 78 -21.89 -27.82 2.22
N ILE E 79 -21.99 -29.10 2.56
CA ILE E 79 -21.25 -29.66 3.70
C ILE E 79 -20.31 -30.75 3.19
N HIS E 80 -19.03 -30.60 3.52
CA HIS E 80 -18.02 -31.62 3.28
C HIS E 80 -17.71 -32.30 4.62
N LEU E 81 -17.90 -33.60 4.68
CA LEU E 81 -17.53 -34.38 5.86
C LEU E 81 -16.15 -34.98 5.63
N MET E 82 -15.23 -34.76 6.56
CA MET E 82 -13.87 -35.31 6.48
C MET E 82 -13.65 -36.27 7.63
N GLY E 83 -14.03 -37.53 7.43
CA GLY E 83 -13.88 -38.50 8.49
C GLY E 83 -15.06 -38.44 9.44
N ASP E 84 -14.80 -38.59 10.73
CA ASP E 84 -15.86 -38.57 11.73
C ASP E 84 -15.74 -37.43 12.72
N GLU E 85 -14.63 -36.69 12.74
CA GLU E 85 -14.41 -35.62 13.70
C GLU E 85 -14.20 -34.27 13.02
N SER E 86 -14.57 -34.12 11.75
CA SER E 86 -14.27 -32.89 11.05
C SER E 86 -15.33 -32.62 9.99
N ALA E 87 -15.68 -31.35 9.85
CA ALA E 87 -16.65 -30.91 8.85
C ALA E 87 -16.32 -29.49 8.42
N CYS E 88 -16.78 -29.14 7.23
CA CYS E 88 -16.68 -27.79 6.69
CA CYS E 88 -16.71 -27.77 6.75
C CYS E 88 -17.97 -27.46 5.95
N ILE E 89 -18.54 -26.29 6.23
CA ILE E 89 -19.80 -25.88 5.63
C ILE E 89 -19.59 -24.55 4.92
N ALA E 90 -20.13 -24.44 3.72
CA ALA E 90 -20.01 -23.24 2.90
C ALA E 90 -21.39 -22.83 2.41
N TYR E 91 -21.65 -21.53 2.40
CA TYR E 91 -22.98 -21.03 2.09
C TYR E 91 -22.92 -19.55 1.79
N ILE E 92 -23.91 -19.10 1.03
CA ILE E 92 -24.17 -17.68 0.82
C ILE E 92 -25.05 -17.18 1.94
N ARG E 93 -24.66 -16.08 2.58
CA ARG E 93 -25.44 -15.49 3.66
C ARG E 93 -26.03 -14.17 3.18
N ILE E 94 -27.35 -14.09 3.16
CA ILE E 94 -28.07 -12.87 2.81
C ILE E 94 -28.56 -12.24 4.11
N THR E 95 -28.23 -10.97 4.31
CA THR E 95 -28.58 -10.27 5.54
C THR E 95 -29.49 -9.10 5.19
N GLN E 96 -30.69 -9.11 5.76
CA GLN E 96 -31.64 -8.01 5.66
C GLN E 96 -31.56 -7.18 6.93
N TYR E 97 -31.49 -5.86 6.77
CA TYR E 97 -31.33 -4.97 7.91
C TYR E 97 -31.94 -3.61 7.58
N LEU E 98 -31.97 -2.75 8.57
CA LEU E 98 -32.41 -1.37 8.42
C LEU E 98 -31.23 -0.43 8.61
N ASP E 99 -31.14 0.57 7.75
CA ASP E 99 -30.06 1.56 7.84
C ASP E 99 -30.49 2.67 8.81
N ALA E 100 -29.70 3.74 8.86
CA ALA E 100 -30.03 4.87 9.74
C ALA E 100 -31.39 5.46 9.40
N GLY E 101 -31.74 5.52 8.12
CA GLY E 101 -33.03 6.03 7.73
C GLY E 101 -34.20 5.09 7.97
N GLY E 102 -33.92 3.88 8.43
CA GLY E 102 -34.97 2.89 8.67
C GLY E 102 -35.45 2.17 7.43
N ILE E 103 -34.74 2.30 6.32
CA ILE E 103 -35.16 1.65 5.08
C ILE E 103 -34.45 0.30 4.98
N PRO E 104 -35.17 -0.75 4.59
CA PRO E 104 -34.56 -2.08 4.51
C PRO E 104 -33.52 -2.14 3.41
N ARG E 105 -32.42 -2.82 3.71
CA ARG E 105 -31.33 -3.01 2.77
C ARG E 105 -30.94 -4.48 2.80
N THR E 106 -30.18 -4.90 1.80
CA THR E 106 -29.74 -6.27 1.72
C THR E 106 -28.24 -6.31 1.43
N ALA E 107 -27.55 -7.22 2.10
CA ALA E 107 -26.12 -7.46 1.88
C ALA E 107 -25.89 -8.95 1.71
N GLN E 108 -24.93 -9.28 0.85
CA GLN E 108 -24.55 -10.67 0.60
C GLN E 108 -23.11 -10.88 1.04
N SER E 109 -22.85 -12.03 1.65
CA SER E 109 -21.49 -12.48 1.91
C SER E 109 -21.42 -13.98 1.65
N GLU E 110 -20.20 -14.46 1.46
CA GLU E 110 -19.93 -15.88 1.29
C GLU E 110 -19.10 -16.35 2.49
N GLU E 111 -19.55 -17.44 3.11
CA GLU E 111 -18.95 -17.88 4.37
C GLU E 111 -18.50 -19.32 4.28
N THR E 112 -17.27 -19.58 4.67
CA THR E 112 -16.74 -20.92 4.91
C THR E 112 -16.46 -21.07 6.40
N ARG E 113 -16.96 -22.14 7.00
CA ARG E 113 -16.69 -22.40 8.41
C ARG E 113 -16.29 -23.86 8.59
N VAL E 114 -15.19 -24.08 9.31
CA VAL E 114 -14.62 -25.39 9.52
C VAL E 114 -14.84 -25.77 10.98
N TRP E 115 -15.30 -27.01 11.20
CA TRP E 115 -15.64 -27.49 12.53
C TRP E 115 -14.81 -28.72 12.88
N HIS E 116 -14.49 -28.84 14.16
CA HIS E 116 -13.66 -29.94 14.67
C HIS E 116 -14.31 -30.53 15.90
N ARG E 117 -14.68 -31.80 15.83
CA ARG E 117 -15.23 -32.50 16.98
C ARG E 117 -14.10 -32.77 17.97
N ARG E 118 -14.05 -31.96 19.02
CA ARG E 118 -13.16 -32.20 20.16
C ARG E 118 -14.00 -32.64 21.34
N ASP E 119 -13.60 -33.74 21.98
CA ASP E 119 -14.41 -34.37 23.01
C ASP E 119 -15.79 -34.65 22.43
N GLY E 120 -16.84 -34.36 23.17
CA GLY E 120 -18.18 -34.56 22.67
C GLY E 120 -18.82 -33.36 22.02
N LYS E 121 -18.05 -32.30 21.78
CA LYS E 121 -18.59 -31.04 21.30
C LYS E 121 -17.96 -30.65 19.97
N TRP E 122 -18.75 -29.99 19.13
CA TRP E 122 -18.24 -29.38 17.91
C TRP E 122 -17.64 -28.02 18.23
N GLN E 123 -16.43 -27.78 17.71
CA GLN E 123 -15.73 -26.53 17.95
C GLN E 123 -15.42 -25.85 16.62
N HIS E 124 -15.67 -24.55 16.56
CA HIS E 124 -15.43 -23.77 15.35
C HIS E 124 -13.95 -23.38 15.31
N VAL E 125 -13.24 -23.82 14.27
CA VAL E 125 -11.79 -23.71 14.24
C VAL E 125 -11.28 -22.70 13.23
N HIS E 126 -12.03 -22.43 12.16
CA HIS E 126 -11.57 -21.46 11.16
C HIS E 126 -12.76 -20.98 10.35
N MET E 127 -12.77 -19.70 10.02
CA MET E 127 -13.80 -19.12 9.19
C MET E 127 -13.19 -18.24 8.11
N HIS E 128 -13.88 -18.14 6.99
CA HIS E 128 -13.50 -17.27 5.89
C HIS E 128 -14.77 -16.62 5.35
N ARG E 129 -14.86 -15.31 5.47
CA ARG E 129 -15.99 -14.56 4.94
C ARG E 129 -15.48 -13.55 3.92
N SER E 130 -16.13 -13.52 2.76
CA SER E 130 -15.87 -12.52 1.74
C SER E 130 -17.18 -11.83 1.39
N GLY E 131 -17.06 -10.62 0.88
CA GLY E 131 -18.23 -9.86 0.49
C GLY E 131 -18.41 -8.58 1.27
N ALA E 132 -19.53 -8.47 1.99
CA ALA E 132 -19.86 -7.22 2.65
C ALA E 132 -19.36 -7.22 4.10
N PRO E 133 -18.72 -6.14 4.54
CA PRO E 133 -18.26 -6.06 5.94
C PRO E 133 -19.45 -5.94 6.88
N SER E 134 -19.60 -6.91 7.78
CA SER E 134 -20.71 -6.92 8.73
C SER E 134 -20.77 -5.64 9.56
N MET F 4 4.58 -29.75 13.91
CA MET F 4 4.26 -31.14 13.58
C MET F 4 4.54 -31.43 12.12
N VAL F 5 4.97 -32.67 11.84
CA VAL F 5 5.28 -33.05 10.47
C VAL F 5 4.02 -33.13 9.63
N ARG F 6 2.86 -33.38 10.26
CA ARG F 6 1.60 -33.34 9.52
C ARG F 6 1.36 -31.95 8.94
N LYS F 7 1.78 -30.90 9.64
CA LYS F 7 1.62 -29.55 9.12
C LYS F 7 2.42 -29.35 7.84
N GLN F 8 3.69 -29.75 7.86
CA GLN F 8 4.53 -29.62 6.68
C GLN F 8 4.03 -30.49 5.54
N GLU F 9 3.45 -31.65 5.86
CA GLU F 9 2.82 -32.47 4.84
C GLU F 9 1.69 -31.72 4.15
N ILE F 10 0.86 -31.03 4.95
CA ILE F 10 -0.21 -30.21 4.38
C ILE F 10 0.38 -29.03 3.62
N ILE F 11 1.42 -28.42 4.16
CA ILE F 11 2.04 -27.27 3.51
C ILE F 11 2.57 -27.66 2.14
N LYS F 12 3.16 -28.85 2.03
CA LYS F 12 3.76 -29.27 0.76
C LYS F 12 2.70 -29.65 -0.26
N VAL F 13 1.71 -30.44 0.14
CA VAL F 13 0.66 -30.81 -0.82
C VAL F 13 -0.06 -29.56 -1.32
N ASN F 14 -0.17 -28.54 -0.46
CA ASN F 14 -0.81 -27.30 -0.90
C ASN F 14 0.09 -26.55 -1.88
N GLN F 15 1.40 -26.59 -1.67
CA GLN F 15 2.33 -25.94 -2.59
C GLN F 15 2.36 -26.65 -3.93
N GLN F 16 2.19 -27.97 -3.94
CA GLN F 16 2.12 -28.71 -5.20
C GLN F 16 0.87 -28.32 -5.98
N LEU F 17 -0.25 -28.09 -5.29
CA LEU F 17 -1.46 -27.65 -5.96
C LEU F 17 -1.26 -26.29 -6.63
N ILE F 18 -0.65 -25.35 -5.92
CA ILE F 18 -0.45 -24.01 -6.46
C ILE F 18 0.54 -24.05 -7.63
N GLU F 19 1.57 -24.88 -7.54
CA GLU F 19 2.50 -25.01 -8.66
C GLU F 19 1.80 -25.64 -9.86
N ALA F 20 0.88 -26.57 -9.63
CA ALA F 20 0.11 -27.14 -10.72
C ALA F 20 -0.75 -26.07 -11.41
N ILE F 21 -1.30 -25.14 -10.62
CA ILE F 21 -2.09 -24.04 -11.18
C ILE F 21 -1.20 -23.13 -12.00
N SER F 22 -0.02 -22.77 -11.47
CA SER F 22 0.86 -21.84 -12.16
C SER F 22 1.34 -22.39 -13.49
N ASN F 23 1.65 -23.68 -13.56
CA ASN F 23 2.14 -24.27 -14.78
C ASN F 23 1.02 -24.63 -15.75
N GLY F 24 -0.22 -24.70 -15.29
CA GLY F 24 -1.33 -25.07 -16.15
C GLY F 24 -1.54 -26.55 -16.31
N ASP F 25 -0.96 -27.37 -15.44
CA ASP F 25 -1.10 -28.83 -15.52
C ASP F 25 -2.43 -29.21 -14.91
N PHE F 26 -3.47 -29.30 -15.74
CA PHE F 26 -4.79 -29.64 -15.25
C PHE F 26 -4.87 -31.10 -14.84
N GLU F 27 -4.06 -31.96 -15.47
CA GLU F 27 -4.08 -33.37 -15.11
C GLU F 27 -3.57 -33.59 -13.69
N SER F 28 -2.48 -32.92 -13.31
CA SER F 28 -1.99 -33.02 -11.95
C SER F 28 -2.92 -32.31 -10.97
N TYR F 29 -3.52 -31.21 -11.40
CA TYR F 29 -4.51 -30.51 -10.58
C TYR F 29 -5.68 -31.43 -10.24
N THR F 30 -6.20 -32.15 -11.23
CA THR F 30 -7.34 -33.03 -11.00
C THR F 30 -6.98 -34.16 -10.05
N LYS F 31 -5.74 -34.66 -10.13
CA LYS F 31 -5.30 -35.74 -9.26
C LYS F 31 -5.40 -35.32 -7.79
N MET F 32 -5.06 -34.07 -7.49
CA MET F 32 -5.00 -33.59 -6.13
C MET F 32 -6.35 -33.13 -5.57
N CYS F 33 -7.36 -33.00 -6.42
CA CYS F 33 -8.66 -32.48 -6.01
C CYS F 33 -9.71 -33.59 -5.94
N ASP F 34 -10.51 -33.56 -4.88
CA ASP F 34 -11.68 -34.44 -4.83
C ASP F 34 -12.61 -34.06 -5.98
N PRO F 35 -13.18 -35.04 -6.69
CA PRO F 35 -14.09 -34.72 -7.80
C PRO F 35 -15.25 -33.82 -7.41
N GLY F 36 -15.63 -33.77 -6.14
CA GLY F 36 -16.74 -32.94 -5.72
C GLY F 36 -16.30 -31.73 -4.93
N MET F 37 -15.10 -31.23 -5.20
CA MET F 37 -14.62 -30.05 -4.48
C MET F 37 -15.44 -28.82 -4.85
N THR F 38 -15.61 -27.94 -3.88
CA THR F 38 -16.35 -26.70 -4.04
C THR F 38 -15.43 -25.50 -3.87
N ALA F 39 -15.85 -24.36 -4.42
CA ALA F 39 -14.98 -23.17 -4.41
C ALA F 39 -15.79 -21.89 -4.32
N PHE F 40 -15.36 -21.01 -3.42
CA PHE F 40 -15.71 -19.60 -3.42
C PHE F 40 -14.50 -18.82 -3.92
N GLU F 41 -14.71 -17.94 -4.89
CA GLU F 41 -13.59 -17.19 -5.47
C GLU F 41 -14.15 -15.98 -6.20
N PRO F 42 -13.34 -14.95 -6.42
CA PRO F 42 -13.85 -13.75 -7.11
C PRO F 42 -14.41 -14.06 -8.49
N GLU F 43 -13.78 -14.98 -9.22
CA GLU F 43 -14.24 -15.31 -10.57
C GLU F 43 -15.62 -15.94 -10.58
N ALA F 44 -16.07 -16.53 -9.47
CA ALA F 44 -17.37 -17.15 -9.38
C ALA F 44 -18.47 -16.18 -8.97
N LEU F 45 -18.12 -14.90 -8.79
CA LEU F 45 -19.11 -13.82 -8.59
C LEU F 45 -20.00 -14.09 -7.38
N GLY F 46 -19.40 -14.57 -6.29
CA GLY F 46 -20.12 -14.78 -5.05
C GLY F 46 -20.90 -16.07 -4.94
N ASN F 47 -20.75 -16.98 -5.90
CA ASN F 47 -21.45 -18.25 -5.87
C ASN F 47 -20.49 -19.37 -5.50
N LEU F 48 -21.04 -20.45 -4.95
CA LEU F 48 -20.29 -21.66 -4.68
C LEU F 48 -20.37 -22.55 -5.91
N VAL F 49 -19.22 -22.85 -6.50
CA VAL F 49 -19.16 -23.63 -7.73
C VAL F 49 -18.49 -24.97 -7.46
N GLU F 50 -18.73 -25.92 -8.36
CA GLU F 50 -17.93 -27.13 -8.38
C GLU F 50 -16.55 -26.79 -8.94
N GLY F 51 -15.51 -27.04 -8.15
CA GLY F 51 -14.21 -26.48 -8.45
C GLY F 51 -13.61 -26.97 -9.74
N LEU F 52 -13.78 -28.26 -10.06
CA LEU F 52 -13.04 -28.82 -11.18
C LEU F 52 -13.70 -28.53 -12.52
N ASP F 53 -15.02 -28.38 -12.57
CA ASP F 53 -15.65 -28.01 -13.83
C ASP F 53 -15.43 -26.54 -14.13
N PHE F 54 -15.57 -25.69 -13.11
CA PHE F 54 -15.45 -24.25 -13.30
C PHE F 54 -14.02 -23.84 -13.65
N HIS F 55 -13.02 -24.50 -13.04
CA HIS F 55 -11.63 -24.13 -13.25
C HIS F 55 -11.04 -24.68 -14.55
N ARG F 56 -11.66 -25.69 -15.15
CA ARG F 56 -11.16 -26.24 -16.41
C ARG F 56 -11.01 -25.15 -17.46
N PHE F 57 -12.00 -24.26 -17.55
CA PHE F 57 -11.96 -23.19 -18.53
C PHE F 57 -10.70 -22.34 -18.40
N TYR F 58 -10.23 -22.13 -17.17
CA TYR F 58 -9.05 -21.30 -16.97
C TYR F 58 -7.78 -22.05 -17.35
N PHE F 59 -7.72 -23.35 -17.06
CA PHE F 59 -6.56 -24.13 -17.49
C PHE F 59 -6.46 -24.21 -19.00
N GLU F 60 -7.58 -24.51 -19.68
CA GLU F 60 -7.52 -24.80 -21.10
C GLU F 60 -7.34 -23.54 -21.96
N ASN F 61 -7.65 -22.36 -21.44
CA ASN F 61 -7.59 -21.16 -22.26
C ASN F 61 -6.63 -20.09 -21.76
N LEU F 62 -6.10 -20.22 -20.54
CA LEU F 62 -5.17 -19.23 -20.03
C LEU F 62 -3.88 -19.85 -19.51
N TRP F 63 -4.00 -20.67 -18.46
CA TRP F 63 -2.84 -21.07 -17.67
C TRP F 63 -1.97 -22.10 -18.40
N SER F 64 -2.57 -22.92 -19.27
CA SER F 64 -1.76 -23.91 -19.98
C SER F 64 -0.80 -23.26 -20.96
N ARG F 65 -1.27 -22.24 -21.69
CA ARG F 65 -0.45 -21.58 -22.68
C ARG F 65 0.52 -20.55 -22.09
N ASN F 66 0.44 -20.30 -20.79
CA ASN F 66 1.29 -19.28 -20.17
C ASN F 66 2.75 -19.72 -20.20
N SER F 67 3.58 -18.91 -20.85
CA SER F 67 5.03 -19.10 -20.85
C SER F 67 5.75 -18.00 -20.08
N LYS F 68 5.02 -17.13 -19.40
CA LYS F 68 5.56 -16.00 -18.66
C LYS F 68 5.95 -16.43 -17.25
N PRO F 69 7.04 -15.89 -16.71
CA PRO F 69 7.51 -16.30 -15.38
C PRO F 69 6.57 -15.81 -14.29
N VAL F 70 6.21 -16.73 -13.39
CA VAL F 70 5.37 -16.40 -12.24
C VAL F 70 6.01 -16.99 -11.00
N HIS F 71 5.85 -16.28 -9.88
CA HIS F 71 6.34 -16.72 -8.59
C HIS F 71 5.22 -16.56 -7.57
N ASN F 72 4.87 -17.64 -6.89
CA ASN F 72 3.83 -17.64 -5.88
C ASN F 72 4.47 -17.78 -4.51
N THR F 73 3.95 -17.02 -3.54
CA THR F 73 4.46 -17.03 -2.18
C THR F 73 3.30 -17.30 -1.23
N MET F 74 3.53 -18.20 -0.28
CA MET F 74 2.55 -18.59 0.72
C MET F 74 3.00 -18.01 2.06
N LEU F 75 2.35 -16.93 2.49
CA LEU F 75 2.81 -16.14 3.62
C LEU F 75 2.17 -16.62 4.91
N ASN F 76 3.00 -16.99 5.88
CA ASN F 76 2.61 -17.38 7.23
C ASN F 76 1.40 -18.32 7.18
N PRO F 77 1.55 -19.52 6.61
CA PRO F 77 0.40 -20.43 6.55
C PRO F 77 0.04 -20.92 7.93
N HIS F 78 -1.26 -20.95 8.21
CA HIS F 78 -1.77 -21.48 9.47
C HIS F 78 -2.54 -22.76 9.17
N ILE F 79 -2.20 -23.82 9.90
CA ILE F 79 -2.74 -25.15 9.64
C ILE F 79 -3.49 -25.62 10.87
N HIS F 80 -4.76 -25.98 10.69
CA HIS F 80 -5.55 -26.62 11.73
C HIS F 80 -5.65 -28.10 11.39
N LEU F 81 -5.18 -28.96 12.30
CA LEU F 81 -5.27 -30.39 12.13
C LEU F 81 -6.50 -30.92 12.85
N MET F 82 -7.35 -31.65 12.12
CA MET F 82 -8.56 -32.26 12.69
C MET F 82 -8.46 -33.78 12.59
N GLY F 83 -7.83 -34.41 13.59
CA GLY F 83 -7.70 -35.86 13.55
C GLY F 83 -6.51 -36.35 12.75
N ASP F 84 -6.70 -37.43 11.96
CA ASP F 84 -5.61 -37.96 11.16
C ASP F 84 -5.82 -37.77 9.67
N GLU F 85 -7.04 -37.49 9.21
CA GLU F 85 -7.34 -37.41 7.79
C GLU F 85 -7.98 -36.09 7.41
N SER F 86 -7.81 -35.05 8.21
CA SER F 86 -8.41 -33.76 7.90
C SER F 86 -7.47 -32.63 8.28
N ALA F 87 -7.41 -31.61 7.43
CA ALA F 87 -6.58 -30.44 7.67
C ALA F 87 -7.22 -29.23 7.03
N CYS F 88 -6.94 -28.06 7.59
CA CYS F 88 -7.40 -26.78 7.06
C CYS F 88 -6.23 -25.82 7.09
N ILE F 89 -5.84 -25.32 5.92
CA ILE F 89 -4.69 -24.43 5.80
C ILE F 89 -5.19 -23.08 5.30
N ALA F 90 -4.72 -22.01 5.93
CA ALA F 90 -5.09 -20.65 5.57
C ALA F 90 -3.83 -19.81 5.44
N TYR F 91 -3.80 -18.95 4.44
CA TYR F 91 -2.58 -18.20 4.14
C TYR F 91 -2.90 -17.04 3.23
N ILE F 92 -2.02 -16.04 3.29
CA ILE F 92 -2.04 -14.96 2.30
C ILE F 92 -1.23 -15.43 1.11
N ARG F 93 -1.80 -15.30 -0.08
CA ARG F 93 -1.16 -15.76 -1.32
C ARG F 93 -0.70 -14.54 -2.10
N ILE F 94 0.62 -14.42 -2.25
CA ILE F 94 1.24 -13.35 -3.02
C ILE F 94 1.71 -13.92 -4.34
N THR F 95 1.29 -13.30 -5.44
CA THR F 95 1.64 -13.74 -6.78
C THR F 95 2.42 -12.64 -7.48
N GLN F 96 3.65 -12.94 -7.88
CA GLN F 96 4.47 -12.03 -8.67
C GLN F 96 4.38 -12.45 -10.13
N TYR F 97 4.16 -11.49 -11.01
CA TYR F 97 3.98 -11.77 -12.43
C TYR F 97 4.40 -10.55 -13.23
N LEU F 98 4.41 -10.72 -14.55
CA LEU F 98 4.68 -9.64 -15.48
C LEU F 98 3.39 -9.33 -16.24
N ASP F 99 3.10 -8.05 -16.40
CA ASP F 99 1.89 -7.62 -17.10
C ASP F 99 2.15 -7.59 -18.61
N ALA F 100 1.19 -7.07 -19.37
CA ALA F 100 1.35 -6.99 -20.82
C ALA F 100 2.59 -6.17 -21.19
N GLY F 101 2.87 -5.13 -20.43
CA GLY F 101 4.06 -4.32 -20.65
C GLY F 101 5.35 -4.95 -20.19
N GLY F 102 5.29 -6.14 -19.58
CA GLY F 102 6.49 -6.77 -19.06
C GLY F 102 6.96 -6.24 -17.74
N ILE F 103 6.13 -5.48 -17.03
CA ILE F 103 6.50 -4.87 -15.77
C ILE F 103 6.14 -5.82 -14.63
N PRO F 104 7.03 -6.03 -13.66
CA PRO F 104 6.69 -6.92 -12.55
C PRO F 104 5.59 -6.31 -11.72
N ARG F 105 4.62 -7.14 -11.36
CA ARG F 105 3.48 -6.68 -10.57
C ARG F 105 3.24 -7.67 -9.44
N THR F 106 2.48 -7.24 -8.45
CA THR F 106 2.17 -8.09 -7.31
C THR F 106 0.67 -8.07 -7.06
N ALA F 107 0.13 -9.23 -6.74
CA ALA F 107 -1.28 -9.37 -6.38
C ALA F 107 -1.38 -10.16 -5.09
N GLN F 108 -2.32 -9.79 -4.24
CA GLN F 108 -2.56 -10.49 -2.98
C GLN F 108 -3.95 -11.09 -3.00
N SER F 109 -4.05 -12.31 -2.48
CA SER F 109 -5.33 -12.92 -2.20
C SER F 109 -5.18 -13.69 -0.89
N GLU F 110 -6.32 -13.99 -0.28
CA GLU F 110 -6.36 -14.80 0.94
C GLU F 110 -7.07 -16.10 0.60
N GLU F 111 -6.46 -17.22 0.95
CA GLU F 111 -6.96 -18.53 0.56
C GLU F 111 -7.12 -19.44 1.76
N THR F 112 -8.28 -20.07 1.85
CA THR F 112 -8.52 -21.19 2.75
C THR F 112 -8.68 -22.42 1.88
N ARG F 113 -7.94 -23.47 2.18
CA ARG F 113 -8.03 -24.72 1.44
C ARG F 113 -8.15 -25.86 2.43
N VAL F 114 -9.13 -26.72 2.20
CA VAL F 114 -9.44 -27.82 3.11
C VAL F 114 -9.01 -29.12 2.43
N TRP F 115 -8.27 -29.94 3.17
CA TRP F 115 -7.72 -31.18 2.64
C TRP F 115 -8.19 -32.36 3.48
N HIS F 116 -8.41 -33.48 2.80
CA HIS F 116 -8.86 -34.71 3.42
C HIS F 116 -8.05 -35.87 2.87
N ARG F 117 -7.36 -36.60 3.75
CA ARG F 117 -6.59 -37.75 3.29
C ARG F 117 -7.54 -38.94 3.18
N ARG F 118 -8.02 -39.18 1.96
CA ARG F 118 -8.82 -40.37 1.66
C ARG F 118 -7.89 -41.48 1.20
N ASP F 119 -8.04 -42.66 1.81
CA ASP F 119 -7.15 -43.78 1.56
C ASP F 119 -5.71 -43.41 1.88
N GLY F 120 -4.89 -43.21 0.84
CA GLY F 120 -3.50 -42.86 1.08
C GLY F 120 -3.04 -41.55 0.48
N LYS F 121 -3.96 -40.76 -0.06
CA LYS F 121 -3.61 -39.55 -0.78
C LYS F 121 -4.45 -38.39 -0.29
N TRP F 122 -3.80 -37.24 -0.04
CA TRP F 122 -4.51 -36.04 0.37
C TRP F 122 -5.33 -35.50 -0.81
N GLN F 123 -6.59 -35.19 -0.55
CA GLN F 123 -7.50 -34.68 -1.56
C GLN F 123 -8.06 -33.32 -1.14
N HIS F 124 -8.06 -32.39 -2.10
CA HIS F 124 -8.53 -31.03 -1.89
C HIS F 124 -10.05 -31.00 -2.04
N VAL F 125 -10.77 -30.60 -0.99
CA VAL F 125 -12.22 -30.72 -0.96
C VAL F 125 -12.94 -29.38 -1.02
N HIS F 126 -12.32 -28.29 -0.56
CA HIS F 126 -13.00 -27.00 -0.58
C HIS F 126 -11.97 -25.88 -0.50
N MET F 127 -12.23 -24.81 -1.25
CA MET F 127 -11.38 -23.63 -1.22
C MET F 127 -12.25 -22.38 -1.16
N HIS F 128 -11.70 -21.34 -0.53
CA HIS F 128 -12.33 -20.03 -0.44
C HIS F 128 -11.24 -19.00 -0.66
N ARG F 129 -11.35 -18.23 -1.74
CA ARG F 129 -10.38 -17.18 -2.05
C ARG F 129 -11.08 -15.83 -2.09
N SER F 130 -10.50 -14.86 -1.39
CA SER F 130 -10.92 -13.46 -1.45
C SER F 130 -9.72 -12.61 -1.83
N GLY F 131 -10.00 -11.43 -2.38
CA GLY F 131 -8.89 -10.57 -2.76
C GLY F 131 -8.85 -10.27 -4.25
N ALA F 132 -7.78 -10.73 -4.91
CA ALA F 132 -7.50 -10.42 -6.31
C ALA F 132 -8.18 -11.44 -7.23
N PRO F 133 -8.80 -10.93 -8.31
CA PRO F 133 -9.54 -11.80 -9.23
C PRO F 133 -8.69 -12.79 -10.02
N SER F 134 -7.39 -12.89 -9.74
CA SER F 134 -6.51 -13.84 -10.40
C SER F 134 -6.60 -13.74 -11.92
N VAL F 135 -7.00 -14.84 -12.57
CA VAL F 135 -7.09 -14.92 -14.03
C VAL F 135 -5.77 -14.48 -14.66
N MET G 4 -37.48 -36.11 -8.34
CA MET G 4 -38.34 -36.98 -9.14
C MET G 4 -37.78 -37.13 -10.56
N VAL G 5 -38.19 -38.21 -11.24
CA VAL G 5 -37.76 -38.43 -12.61
C VAL G 5 -38.15 -37.25 -13.50
N ARG G 6 -39.29 -36.62 -13.20
CA ARG G 6 -39.73 -35.47 -13.98
C ARG G 6 -38.77 -34.29 -13.83
N LYS G 7 -38.26 -34.06 -12.63
CA LYS G 7 -37.38 -32.92 -12.41
C LYS G 7 -36.06 -33.07 -13.17
N GLN G 8 -35.48 -34.27 -13.15
CA GLN G 8 -34.25 -34.49 -13.93
C GLN G 8 -34.53 -34.39 -15.43
N GLU G 9 -35.74 -34.74 -15.86
CA GLU G 9 -36.12 -34.53 -17.24
C GLU G 9 -36.12 -33.05 -17.59
N ILE G 10 -36.62 -32.20 -16.68
CA ILE G 10 -36.64 -30.77 -16.93
C ILE G 10 -35.23 -30.22 -17.00
N ILE G 11 -34.35 -30.67 -16.10
CA ILE G 11 -32.96 -30.22 -16.10
C ILE G 11 -32.29 -30.64 -17.41
N LYS G 12 -32.66 -31.81 -17.93
CA LYS G 12 -32.04 -32.33 -19.15
C LYS G 12 -32.41 -31.46 -20.35
N VAL G 13 -33.71 -31.22 -20.56
CA VAL G 13 -34.14 -30.44 -21.72
C VAL G 13 -33.69 -29.00 -21.62
N ASN G 14 -33.58 -28.46 -20.39
CA ASN G 14 -33.14 -27.08 -20.25
C ASN G 14 -31.65 -26.93 -20.58
N GLN G 15 -30.84 -27.92 -20.22
CA GLN G 15 -29.43 -27.87 -20.59
C GLN G 15 -29.25 -28.03 -22.09
N GLN G 16 -30.13 -28.80 -22.74
CA GLN G 16 -30.07 -28.90 -24.20
C GLN G 16 -30.40 -27.57 -24.84
N LEU G 17 -31.35 -26.83 -24.28
CA LEU G 17 -31.65 -25.49 -24.77
C LEU G 17 -30.45 -24.56 -24.60
N ILE G 18 -29.80 -24.62 -23.43
CA ILE G 18 -28.66 -23.76 -23.17
C ILE G 18 -27.49 -24.12 -24.07
N GLU G 19 -27.26 -25.42 -24.29
CA GLU G 19 -26.19 -25.83 -25.20
C GLU G 19 -26.45 -25.33 -26.62
N ALA G 20 -27.71 -25.37 -27.06
CA ALA G 20 -28.05 -24.85 -28.38
C ALA G 20 -27.75 -23.36 -28.48
N ILE G 21 -28.03 -22.61 -27.41
CA ILE G 21 -27.73 -21.18 -27.41
C ILE G 21 -26.22 -20.96 -27.48
N SER G 22 -25.45 -21.72 -26.70
CA SER G 22 -24.01 -21.55 -26.69
C SER G 22 -23.38 -21.86 -28.04
N ASN G 23 -23.86 -22.90 -28.71
CA ASN G 23 -23.31 -23.30 -30.00
C ASN G 23 -23.88 -22.48 -31.16
N GLY G 24 -25.00 -21.80 -30.95
CA GLY G 24 -25.61 -21.04 -32.02
C GLY G 24 -26.52 -21.84 -32.94
N ASP G 25 -26.95 -23.03 -32.52
CA ASP G 25 -27.80 -23.89 -33.35
C ASP G 25 -29.23 -23.40 -33.25
N PHE G 26 -29.62 -22.54 -34.20
CA PHE G 26 -30.98 -21.99 -34.17
C PHE G 26 -32.01 -23.04 -34.55
N GLU G 27 -31.65 -24.00 -35.39
CA GLU G 27 -32.60 -25.04 -35.77
C GLU G 27 -33.01 -25.87 -34.56
N SER G 28 -32.04 -26.31 -33.77
CA SER G 28 -32.34 -27.01 -32.53
C SER G 28 -33.08 -26.10 -31.55
N TYR G 29 -32.74 -24.81 -31.54
CA TYR G 29 -33.44 -23.85 -30.70
C TYR G 29 -34.93 -23.80 -31.03
N THR G 30 -35.26 -23.72 -32.33
CA THR G 30 -36.65 -23.61 -32.75
C THR G 30 -37.45 -24.84 -32.38
N LYS G 31 -36.83 -26.02 -32.46
CA LYS G 31 -37.55 -27.25 -32.13
C LYS G 31 -38.03 -27.26 -30.68
N MET G 32 -37.21 -26.78 -29.75
CA MET G 32 -37.56 -26.84 -28.33
C MET G 32 -38.45 -25.69 -27.88
N CYS G 33 -38.63 -24.65 -28.69
CA CYS G 33 -39.39 -23.47 -28.28
C CYS G 33 -40.73 -23.41 -28.98
N ASP G 34 -41.77 -23.09 -28.22
CA ASP G 34 -43.07 -22.80 -28.78
C ASP G 34 -42.98 -21.58 -29.70
N PRO G 35 -43.59 -21.61 -30.89
CA PRO G 35 -43.53 -20.45 -31.78
C PRO G 35 -44.05 -19.16 -31.15
N GLY G 36 -44.90 -19.25 -30.13
CA GLY G 36 -45.42 -18.05 -29.50
C GLY G 36 -44.83 -17.78 -28.13
N MET G 37 -43.60 -18.25 -27.92
CA MET G 37 -42.95 -18.03 -26.64
C MET G 37 -42.64 -16.56 -26.42
N THR G 38 -42.67 -16.15 -25.16
CA THR G 38 -42.39 -14.78 -24.76
C THR G 38 -41.12 -14.73 -23.91
N ALA G 39 -40.51 -13.55 -23.84
CA ALA G 39 -39.23 -13.39 -23.16
C ALA G 39 -39.11 -12.01 -22.54
N PHE G 40 -38.66 -11.98 -21.28
CA PHE G 40 -38.09 -10.80 -20.66
C PHE G 40 -36.58 -11.00 -20.59
N GLU G 41 -35.81 -10.04 -21.12
CA GLU G 41 -34.36 -10.16 -21.08
C GLU G 41 -33.75 -8.78 -21.24
N PRO G 42 -32.53 -8.57 -20.72
CA PRO G 42 -31.91 -7.23 -20.80
C PRO G 42 -31.85 -6.65 -22.21
N GLU G 43 -31.60 -7.50 -23.21
CA GLU G 43 -31.51 -7.02 -24.58
C GLU G 43 -32.82 -6.42 -25.09
N ALA G 44 -33.95 -6.79 -24.47
CA ALA G 44 -35.26 -6.27 -24.89
C ALA G 44 -35.63 -4.97 -24.20
N LEU G 45 -34.75 -4.40 -23.38
CA LEU G 45 -34.92 -3.06 -22.80
C LEU G 45 -36.21 -2.97 -21.98
N GLY G 46 -36.51 -4.02 -21.21
CA GLY G 46 -37.66 -4.00 -20.33
C GLY G 46 -38.99 -4.32 -20.98
N ASN G 47 -39.00 -4.78 -22.22
CA ASN G 47 -40.23 -5.13 -22.91
C ASN G 47 -40.36 -6.65 -22.99
N LEU G 48 -41.61 -7.10 -23.10
CA LEU G 48 -41.91 -8.49 -23.37
C LEU G 48 -41.96 -8.68 -24.87
N VAL G 49 -41.12 -9.58 -25.39
CA VAL G 49 -41.00 -9.83 -26.81
C VAL G 49 -41.58 -11.21 -27.09
N GLU G 50 -42.29 -11.32 -28.21
CA GLU G 50 -43.04 -12.52 -28.54
C GLU G 50 -42.44 -13.18 -29.77
N GLY G 51 -42.18 -14.48 -29.66
CA GLY G 51 -41.69 -15.24 -30.79
C GLY G 51 -40.18 -15.30 -30.88
N LEU G 52 -39.73 -16.06 -31.88
CA LEU G 52 -38.34 -16.38 -32.12
C LEU G 52 -37.60 -15.36 -32.97
N ASP G 53 -38.31 -14.41 -33.59
CA ASP G 53 -37.67 -13.44 -34.47
C ASP G 53 -36.66 -12.57 -33.72
N PHE G 54 -36.99 -12.18 -32.49
CA PHE G 54 -36.07 -11.31 -31.74
C PHE G 54 -34.76 -12.03 -31.45
N HIS G 55 -34.83 -13.33 -31.16
CA HIS G 55 -33.64 -14.09 -30.83
C HIS G 55 -32.87 -14.51 -32.07
N ARG G 56 -33.56 -14.69 -33.20
CA ARG G 56 -32.88 -15.12 -34.41
C ARG G 56 -31.89 -14.07 -34.91
N PHE G 57 -32.11 -12.80 -34.54
CA PHE G 57 -31.13 -11.78 -34.88
C PHE G 57 -29.78 -12.06 -34.23
N TYR G 58 -29.79 -12.59 -33.01
CA TYR G 58 -28.54 -12.89 -32.32
C TYR G 58 -27.91 -14.17 -32.85
N PHE G 59 -28.73 -15.17 -33.21
CA PHE G 59 -28.17 -16.37 -33.81
C PHE G 59 -27.53 -16.06 -35.16
N GLU G 60 -28.22 -15.30 -35.99
CA GLU G 60 -27.76 -15.10 -37.36
C GLU G 60 -26.56 -14.16 -37.46
N ASN G 61 -26.29 -13.35 -36.44
CA ASN G 61 -25.19 -12.39 -36.54
C ASN G 61 -24.09 -12.58 -35.49
N LEU G 62 -24.32 -13.36 -34.44
CA LEU G 62 -23.25 -13.65 -33.47
C LEU G 62 -23.12 -15.13 -33.17
N TRP G 63 -24.16 -15.68 -32.52
CA TRP G 63 -24.03 -16.95 -31.80
C TRP G 63 -23.71 -18.11 -32.73
N SER G 64 -24.21 -18.08 -33.97
CA SER G 64 -23.94 -19.19 -34.88
C SER G 64 -22.49 -19.15 -35.38
N ARG G 65 -21.97 -17.97 -35.67
CA ARG G 65 -20.62 -17.85 -36.19
C ARG G 65 -19.56 -17.85 -35.09
N ASN G 66 -19.95 -17.97 -33.83
CA ASN G 66 -18.98 -17.92 -32.74
C ASN G 66 -18.20 -19.23 -32.68
N SER G 67 -16.87 -19.13 -32.79
CA SER G 67 -15.98 -20.26 -32.59
C SER G 67 -15.23 -20.19 -31.28
N LYS G 68 -15.37 -19.10 -30.53
CA LYS G 68 -14.64 -18.96 -29.28
C LYS G 68 -15.22 -19.90 -28.22
N PRO G 69 -14.39 -20.48 -27.37
CA PRO G 69 -14.89 -21.42 -26.37
C PRO G 69 -15.72 -20.73 -25.29
N VAL G 70 -16.88 -21.31 -25.00
CA VAL G 70 -17.78 -20.81 -23.97
C VAL G 70 -18.19 -21.98 -23.08
N HIS G 71 -18.36 -21.71 -21.79
CA HIS G 71 -18.81 -22.71 -20.83
C HIS G 71 -19.92 -22.10 -19.98
N ASN G 72 -21.06 -22.75 -19.96
CA ASN G 72 -22.22 -22.31 -19.19
C ASN G 72 -22.44 -23.24 -18.01
N THR G 73 -22.78 -22.65 -16.86
CA THR G 73 -23.02 -23.40 -15.63
C THR G 73 -24.39 -23.04 -15.08
N MET G 74 -25.19 -24.07 -14.83
CA MET G 74 -26.49 -23.93 -14.18
CA MET G 74 -26.49 -23.93 -14.18
C MET G 74 -26.31 -24.24 -12.70
N LEU G 75 -26.46 -23.22 -11.85
CA LEU G 75 -26.21 -23.37 -10.42
C LEU G 75 -27.51 -23.63 -9.67
N ASN G 76 -27.54 -24.75 -8.95
CA ASN G 76 -28.60 -25.14 -8.02
C ASN G 76 -29.98 -24.87 -8.62
N PRO G 77 -30.35 -25.57 -9.68
CA PRO G 77 -31.66 -25.33 -10.30
C PRO G 77 -32.79 -25.74 -9.38
N HIS G 78 -33.82 -24.91 -9.35
CA HIS G 78 -35.03 -25.20 -8.59
C HIS G 78 -36.16 -25.45 -9.58
N ILE G 79 -36.88 -26.54 -9.40
CA ILE G 79 -37.90 -26.98 -10.34
C ILE G 79 -39.23 -27.04 -9.61
N HIS G 80 -40.22 -26.32 -10.14
CA HIS G 80 -41.60 -26.42 -9.68
C HIS G 80 -42.36 -27.25 -10.70
N LEU G 81 -42.91 -28.37 -10.26
CA LEU G 81 -43.74 -29.21 -11.10
C LEU G 81 -45.20 -28.84 -10.85
N MET G 82 -45.91 -28.53 -11.93
CA MET G 82 -47.32 -28.16 -11.90
C MET G 82 -48.09 -29.23 -12.65
N GLY G 83 -48.35 -30.34 -11.96
CA GLY G 83 -49.00 -31.49 -12.56
C GLY G 83 -48.00 -32.36 -13.29
N ASP G 84 -48.43 -32.94 -14.41
CA ASP G 84 -47.57 -33.78 -15.26
C ASP G 84 -47.39 -33.20 -16.66
N GLU G 85 -47.74 -31.94 -16.88
CA GLU G 85 -47.66 -31.34 -18.20
C GLU G 85 -46.92 -30.00 -18.23
N SER G 86 -46.55 -29.44 -17.10
CA SER G 86 -45.94 -28.12 -17.06
C SER G 86 -44.93 -28.06 -15.93
N ALA G 87 -43.85 -27.32 -16.16
CA ALA G 87 -42.82 -27.16 -15.15
C ALA G 87 -42.20 -25.78 -15.27
N CYS G 88 -41.60 -25.34 -14.18
CA CYS G 88 -40.91 -24.05 -14.11
C CYS G 88 -39.58 -24.28 -13.41
N ILE G 89 -38.49 -23.89 -14.07
CA ILE G 89 -37.14 -24.08 -13.55
C ILE G 89 -36.48 -22.71 -13.42
N ALA G 90 -35.82 -22.48 -12.29
CA ALA G 90 -35.13 -21.24 -12.00
C ALA G 90 -33.74 -21.55 -11.49
N TYR G 91 -32.75 -20.77 -11.93
CA TYR G 91 -31.37 -21.08 -11.64
C TYR G 91 -30.50 -19.86 -11.91
N ILE G 92 -29.35 -19.82 -11.25
CA ILE G 92 -28.31 -18.86 -11.57
C ILE G 92 -27.47 -19.43 -12.70
N ARG G 93 -27.26 -18.63 -13.74
CA ARG G 93 -26.50 -19.05 -14.92
C ARG G 93 -25.17 -18.32 -14.93
N ILE G 94 -24.09 -19.07 -14.79
CA ILE G 94 -22.73 -18.52 -14.83
C ILE G 94 -22.15 -18.84 -16.19
N THR G 95 -21.68 -17.81 -16.90
CA THR G 95 -21.14 -17.95 -18.24
C THR G 95 -19.67 -17.54 -18.25
N GLN G 96 -18.81 -18.47 -18.63
CA GLN G 96 -17.38 -18.20 -18.82
C GLN G 96 -17.14 -18.00 -20.31
N TYR G 97 -16.41 -16.94 -20.65
CA TYR G 97 -16.20 -16.58 -22.04
C TYR G 97 -14.87 -15.86 -22.16
N LEU G 98 -14.50 -15.54 -23.40
CA LEU G 98 -13.31 -14.78 -23.69
C LEU G 98 -13.73 -13.42 -24.24
N ASP G 99 -13.07 -12.37 -23.78
CA ASP G 99 -13.38 -11.02 -24.23
C ASP G 99 -12.64 -10.74 -25.54
N ALA G 100 -12.71 -9.48 -26.00
CA ALA G 100 -12.02 -9.10 -27.23
C ALA G 100 -10.52 -9.37 -27.15
N GLY G 101 -9.94 -9.14 -25.97
CA GLY G 101 -8.53 -9.41 -25.78
C GLY G 101 -8.16 -10.86 -25.62
N GLY G 102 -9.16 -11.75 -25.61
CA GLY G 102 -8.93 -13.18 -25.43
C GLY G 102 -8.72 -13.63 -24.00
N ILE G 103 -9.03 -12.78 -23.01
CA ILE G 103 -8.86 -13.12 -21.60
C ILE G 103 -10.16 -13.70 -21.07
N PRO G 104 -10.14 -14.78 -20.30
CA PRO G 104 -11.38 -15.35 -19.79
C PRO G 104 -12.07 -14.42 -18.80
N ARG G 105 -13.40 -14.34 -18.92
CA ARG G 105 -14.23 -13.47 -18.11
C ARG G 105 -15.43 -14.26 -17.66
N THR G 106 -16.15 -13.74 -16.64
CA THR G 106 -17.34 -14.40 -16.15
C THR G 106 -18.48 -13.40 -16.01
N ALA G 107 -19.68 -13.83 -16.36
CA ALA G 107 -20.89 -13.04 -16.19
C ALA G 107 -21.95 -13.90 -15.52
N GLN G 108 -22.76 -13.27 -14.68
CA GLN G 108 -23.86 -13.96 -13.99
C GLN G 108 -25.18 -13.40 -14.47
N SER G 109 -26.16 -14.29 -14.64
CA SER G 109 -27.54 -13.90 -14.87
C SER G 109 -28.46 -14.85 -14.11
N GLU G 110 -29.69 -14.42 -13.91
CA GLU G 110 -30.72 -15.25 -13.28
C GLU G 110 -31.78 -15.54 -14.31
N GLU G 111 -32.15 -16.82 -14.46
CA GLU G 111 -33.05 -17.24 -15.52
C GLU G 111 -34.22 -18.03 -14.94
N THR G 112 -35.42 -17.67 -15.37
CA THR G 112 -36.62 -18.47 -15.16
C THR G 112 -37.09 -18.98 -16.52
N ARG G 113 -37.35 -20.28 -16.62
CA ARG G 113 -37.84 -20.86 -17.86
C ARG G 113 -39.03 -21.77 -17.56
N VAL G 114 -40.11 -21.58 -18.32
CA VAL G 114 -41.36 -22.31 -18.13
C VAL G 114 -41.53 -23.27 -19.30
N TRP G 115 -41.85 -24.52 -18.99
CA TRP G 115 -41.97 -25.57 -19.99
C TRP G 115 -43.37 -26.18 -19.93
N HIS G 116 -43.87 -26.57 -21.10
CA HIS G 116 -45.20 -27.16 -21.23
C HIS G 116 -45.11 -28.39 -22.11
N ARG G 117 -45.63 -29.51 -21.62
CA ARG G 117 -45.59 -30.77 -22.37
C ARG G 117 -46.82 -30.83 -23.27
N ARG G 118 -46.63 -30.47 -24.54
CA ARG G 118 -47.67 -30.55 -25.54
C ARG G 118 -47.44 -31.80 -26.38
N ASP G 119 -48.45 -32.66 -26.45
CA ASP G 119 -48.33 -33.99 -27.04
C ASP G 119 -47.29 -34.79 -26.26
N GLY G 120 -46.17 -35.10 -26.89
CA GLY G 120 -45.12 -35.85 -26.22
C GLY G 120 -43.80 -35.12 -26.17
N LYS G 121 -43.83 -33.81 -26.42
CA LYS G 121 -42.63 -32.99 -26.49
C LYS G 121 -42.74 -31.83 -25.50
N TRP G 122 -41.67 -31.59 -24.75
CA TRP G 122 -41.60 -30.38 -23.92
C TRP G 122 -41.33 -29.18 -24.80
N GLN G 123 -42.11 -28.12 -24.61
CA GLN G 123 -41.96 -26.89 -25.38
C GLN G 123 -41.73 -25.73 -24.43
N HIS G 124 -40.75 -24.89 -24.80
CA HIS G 124 -40.38 -23.73 -23.99
C HIS G 124 -41.33 -22.58 -24.32
N VAL G 125 -42.07 -22.10 -23.32
CA VAL G 125 -43.14 -21.15 -23.55
C VAL G 125 -42.83 -19.74 -23.02
N HIS G 126 -41.97 -19.62 -22.01
CA HIS G 126 -41.68 -18.30 -21.46
C HIS G 126 -40.35 -18.35 -20.71
N MET G 127 -39.57 -17.28 -20.85
CA MET G 127 -38.31 -17.13 -20.14
C MET G 127 -38.22 -15.72 -19.57
N HIS G 128 -37.47 -15.61 -18.46
CA HIS G 128 -37.19 -14.32 -17.84
C HIS G 128 -35.74 -14.35 -17.40
N ARG G 129 -34.93 -13.47 -17.98
CA ARG G 129 -33.52 -13.35 -17.62
C ARG G 129 -33.25 -11.95 -17.11
N SER G 130 -32.53 -11.87 -16.00
CA SER G 130 -32.07 -10.60 -15.46
C SER G 130 -30.55 -10.63 -15.34
N GLY G 131 -29.97 -9.43 -15.33
CA GLY G 131 -28.53 -9.24 -15.31
C GLY G 131 -28.02 -8.41 -16.47
N ALA G 132 -27.12 -8.95 -17.29
CA ALA G 132 -26.45 -8.18 -18.34
C ALA G 132 -26.62 -8.83 -19.70
N PRO G 133 -26.82 -8.02 -20.77
CA PRO G 133 -27.01 -8.53 -22.13
C PRO G 133 -25.80 -9.28 -22.69
C ACT H . 9.52 34.17 8.08
O ACT H . 10.49 34.96 8.05
OXT ACT H . 9.47 32.96 7.73
CH3 ACT H . 8.17 34.75 8.61
C ACT I . 20.03 24.59 -12.24
O ACT I . 19.06 25.38 -12.34
OXT ACT I . 21.14 24.75 -11.65
CH3 ACT I . 19.86 23.21 -12.95
C ACT J . 5.00 5.68 18.10
O ACT J . 4.39 4.87 17.36
OXT ACT J . 6.07 5.51 18.75
CH3 ACT J . 4.36 7.09 18.26
C4 A1H6K K . -8.39 7.09 14.96
C5 A1H6K K . -9.28 7.11 16.05
C6 A1H6K K . -10.39 7.96 16.05
C7 A1H6K K . -7.20 6.19 14.96
C8 A1H6K K . -6.57 5.77 16.15
C9 A1H6K K . -5.45 4.93 16.11
C10 A1H6K K . -4.99 4.50 14.85
N1 A1H6K K . -6.77 5.80 13.73
N2 A1H6K K . -5.69 4.98 13.74
C3 A1H6K K . -8.64 7.95 13.88
N3 A1H6K K . -3.95 3.70 14.48
C1 A1H6K K . -10.61 8.80 14.96
C2 A1H6K K . -9.74 8.80 13.88
O1 A1H6K K . -2.25 0.91 13.55
O2 A1H6K K . -0.98 2.69 13.63
C11 A1H6K K . -4.00 3.67 13.16
C12 A1H6K K . -5.05 4.44 12.66
C13 A1H6K K . -3.00 2.87 12.37
C14 A1H6K K . -2.01 2.10 13.24
CL1 A1H6K K . -11.99 9.85 14.96
O1 PG4 L . 2.28 9.65 16.90
C1 PG4 L . 1.16 9.14 17.60
C2 PG4 L . 1.26 9.38 19.07
O2 PG4 L . 0.25 8.66 19.77
C3 PG4 L . -1.06 8.98 19.33
C4 PG4 L . -1.98 8.99 20.50
O3 PG4 L . -1.48 9.90 21.48
C5 PG4 L . -2.49 10.31 22.41
C6 PG4 L . -3.10 9.11 23.06
O4 PG4 L . -4.29 9.49 23.74
C7 PG4 L . -4.06 10.40 24.81
C8 PG4 L . -5.35 10.65 25.53
O5 PG4 L . -5.20 11.54 26.63
C4 A1H6K M . 15.42 -4.47 -9.17
C5 A1H6K M . 16.60 -5.24 -9.14
C6 A1H6K M . 17.39 -5.39 -10.26
C7 A1H6K M . 14.66 -4.38 -7.88
C8 A1H6K M . 13.33 -3.98 -7.72
C9 A1H6K M . 12.76 -3.95 -6.44
C10 A1H6K M . 13.56 -4.32 -5.34
N1 A1H6K M . 15.45 -4.74 -6.84
N2 A1H6K M . 14.88 -4.69 -5.64
C3 A1H6K M . 15.06 -3.83 -10.36
N3 A1H6K M . 13.33 -4.39 -4.00
C1 A1H6K M . 17.02 -4.76 -11.44
C2 A1H6K M . 15.86 -3.99 -11.49
O1 A1H6K M . 16.61 -4.79 -0.68
O2 A1H6K M . 15.89 -3.00 -1.72
C11 A1H6K M . 14.48 -4.81 -3.48
C12 A1H6K M . 15.46 -5.01 -4.45
C13 A1H6K M . 14.62 -5.02 -1.99
C14 A1H6K M . 15.79 -4.21 -1.43
CL1 A1H6K M . 18.04 -4.97 -12.82
C ACT N . -18.07 -14.42 13.05
O ACT N . -18.71 -14.40 11.97
OXT ACT N . -17.50 -15.40 13.63
CH3 ACT N . -17.94 -13.06 13.80
C ACT O . -7.61 -22.85 -7.91
O ACT O . -7.24 -21.77 -7.37
OXT ACT O . -7.88 -23.96 -7.35
CH3 ACT O . -7.74 -22.80 -9.46
C ACT P . -32.37 -17.20 -24.87
O ACT P . -33.33 -18.01 -24.75
OXT ACT P . -31.72 -16.60 -23.97
CH3 ACT P . -31.95 -16.90 -26.34
#